data_8IHJ
#
_entry.id   8IHJ
#
_cell.length_a   1.00
_cell.length_b   1.00
_cell.length_c   1.00
_cell.angle_alpha   90.00
_cell.angle_beta   90.00
_cell.angle_gamma   90.00
#
_symmetry.space_group_name_H-M   'P 1'
#
loop_
_entity.id
_entity.type
_entity.pdbx_description
1 polymer 'Soluble cytochrome b562,Hydroxycarboxylic acid receptor 3'
2 polymer 'Guanine nucleotide-binding protein G(i) subunit alpha-1'
3 polymer scFv16
4 polymer 'Guanine nucleotide-binding protein G(I)/G(S)/G(T) subunit beta-1'
5 polymer 'Guanine nucleotide-binding protein G(I)/G(S)/G(O) subunit gamma-2'
6 non-polymer '(5~{S})-5-methyl-4-oxidanylidene-5-phenyl-furan-2-carboxylic acid'
#
loop_
_entity_poly.entity_id
_entity_poly.type
_entity_poly.pdbx_seq_one_letter_code
_entity_poly.pdbx_strand_id
1 'polypeptide(L)'
;MKTIIALSYIFCLVFADYKDDDDKADLEDNWETLNDNLKVIEKADNAAQVKDALTKMRAAALDAQKATPPKLEDKSPDSP
EMKDFRHGFDILVGQIDDALKLANEGKVKEAQAAAEQLKTTRNAYIQKYLNRHHLQDHFLEIDKKNCCVFRDDFIAKVLP
PVLGLEFIFGLLGNGLALWIFCFHLKSWKSSRIFLFNLAVADFLLIICLPFVMDYYVRRSDWKFGDIPCRLVLFMFAMNR
QGSIIFLTVVAVDRYFRVVHPHHALNKISNWTAAIISCLLWGITVGLTVHLLKKKLLIQNGTANVCISFSICHTFRWHEA
MFLLEFFLPLGIILFCSARIIWSLRQRQMDRHAKIKRAITFIMVVAIVFVICFLPSVVVRIHIFWLLHTSGTQNCEVYRS
VDLAFFITLSFTYMNSMLDPVVYYFSSPSFPNFFSTLINRCLQRKITGEPDNNRSTSVELTGDPNKTRGAPEALIANSGE
PWSPSYLGPTSNNHSKKGHCHQEPASLEKQLGCCIEENLYFQGSHHHHHH
;
R
2 'polypeptide(L)'
;MGCTLSAEDKAAVERSKMIDRNLREDGEKAAREVKLLLLGAGESGKSTIVKQMKIIHEAGYSEEECKQYKAVVYSNTIQS
IIAIIRAMGRLKIDFGDSARADDARQLFVLAGAAEEGFMTAELAGVIKRLWKDSGVQACFNRSREYQLNDSAAYYLNDLD
RIAQPNYIPTQQDVLRTRVKTTGIVETHFTFKDLHFKMFDVGAQRSERKKWIHCFEGVAAIIFCVALSDYDLVLAEDEEM
NRMHESMKLFDSICNNKWFTDTSIILFLNKKDLFEEKIKKSPLTICYQEYAGSNTYEEAAAYIQCQFEDLNKRKDTKEIY
THFTCSTDTKNVQFVFDAVTDVIIKNNLKDCGLF
;
A
3 'polypeptide(L)'
;DVQLVESGGGLVQPGGSRKLSCSASGFAFSSFGMHWVRQAPEKGLEWVAYISSGSGTIYYADTVKGRFTISRDDPKNTLF
LQMTSLRSEDTAMYYCVRSIYYYGSSPFDFWGQGTTLTVSSGGGGSGGGGSGGGSSDIVMTQATSSVPVTPGESVSISCR
SSKSLLHSNGNTYLYWFLQRPGQSPQLLIYRMSNLASGVPDRFSGSGSGTAFTLTISRLEAEDVGVYYCMQHLEYPLTFG
AGTKLELK
;
S
4 'polypeptide(L)'
;MHHHHHHHHENLYFQGSSELDQLRQEAEQLKNQIRDARKACADATLSQITNNIDPVGRIQMRTRRTLRGHLAKIYAMHWG
TDSRLLVSASQDGKLIIWDSYTTNKVHAIPLRSSWVMTCAYAPSGNYVACGGLDNICSIYNLKTREGNVRVSRELAGHTG
YLSCCRFLDDNQIVTSSGDTTCALWDIETGQQTTTFTGHTGDVMSLSLAPDTRLFVSGACDASAKLWDVREGMCRQTFTG
HESDINAICFFPNGNAFATGSDDATCRLFDLRADQELMTYSHDNIICGITSVSFSKSGRLLLAGYDDFNCNVWDALKADR
AGVLAGHDNRVSCLGVTDDGMAVATGSWDSFLKIWNGGSGGGGSGGSSSGGVSGWRLFKKIS
;
B
5 'polypeptide(L)' ASNNTASIAQARKLVEQLKMEANIDRIKVSKAAADLMAYCEAHAKEDPLLTPVPASENPFREKKFFCAIL C
#
# COMPACT_ATOMS: atom_id res chain seq x y z
N ASN A 146 25.39 37.40 51.42
CA ASN A 146 26.71 36.78 51.31
C ASN A 146 26.60 35.25 51.38
N CYS A 147 25.93 34.67 50.38
CA CYS A 147 25.82 33.22 50.32
C CYS A 147 27.18 32.61 50.05
N CYS A 148 27.49 31.52 50.77
CA CYS A 148 28.83 30.96 50.74
C CYS A 148 29.07 30.20 49.45
N VAL A 149 30.07 30.64 48.68
CA VAL A 149 30.54 29.95 47.49
C VAL A 149 32.06 29.80 47.61
N PHE A 150 32.55 28.58 47.54
CA PHE A 150 33.97 28.31 47.74
C PHE A 150 34.39 27.20 46.78
N ARG A 151 35.61 26.70 46.97
CA ARG A 151 36.18 25.67 46.12
C ARG A 151 37.20 24.87 46.91
N ASP A 152 37.51 23.67 46.42
CA ASP A 152 38.48 22.81 47.05
C ASP A 152 39.38 22.18 45.99
N ASP A 153 40.61 21.87 46.40
CA ASP A 153 41.56 21.25 45.47
C ASP A 153 41.15 19.81 45.15
N PHE A 154 40.45 19.14 46.08
CA PHE A 154 40.00 17.78 45.82
C PHE A 154 39.01 17.73 44.66
N ILE A 155 38.22 18.80 44.48
CA ILE A 155 37.31 18.85 43.34
C ILE A 155 38.08 18.88 42.04
N ALA A 156 39.19 19.64 42.00
CA ALA A 156 39.99 19.73 40.79
C ALA A 156 40.68 18.42 40.43
N LYS A 157 40.87 17.52 41.40
CA LYS A 157 41.47 16.22 41.16
C LYS A 157 40.45 15.12 40.90
N VAL A 158 39.16 15.46 40.89
CA VAL A 158 38.09 14.49 40.70
C VAL A 158 37.19 14.88 39.54
N LEU A 159 36.64 16.10 39.57
CA LEU A 159 35.69 16.50 38.54
C LEU A 159 36.31 16.62 37.15
N PRO A 160 37.43 17.33 36.96
CA PRO A 160 38.00 17.46 35.61
C PRO A 160 38.36 16.11 34.99
N PRO A 161 38.91 15.15 35.74
CA PRO A 161 39.17 13.84 35.10
C PRO A 161 37.91 13.05 34.83
N VAL A 162 36.94 13.06 35.73
CA VAL A 162 35.74 12.25 35.53
C VAL A 162 34.89 12.81 34.41
N LEU A 163 34.79 14.15 34.31
CA LEU A 163 33.90 14.74 33.33
C LEU A 163 34.40 14.52 31.91
N GLY A 164 35.72 14.57 31.71
CA GLY A 164 36.27 14.31 30.39
C GLY A 164 36.00 12.89 29.93
N LEU A 165 35.99 11.94 30.85
CA LEU A 165 35.70 10.56 30.50
C LEU A 165 34.27 10.40 29.98
N GLU A 166 33.31 11.08 30.62
CA GLU A 166 31.93 11.01 30.16
C GLU A 166 31.77 11.60 28.77
N PHE A 167 32.44 12.72 28.49
CA PHE A 167 32.28 13.37 27.19
C PHE A 167 32.78 12.45 26.07
N ILE A 168 33.90 11.78 26.28
CA ILE A 168 34.43 10.87 25.27
C ILE A 168 33.43 9.74 25.02
N PHE A 169 32.94 9.11 26.10
CA PHE A 169 31.91 8.10 25.96
C PHE A 169 30.60 8.69 25.45
N GLY A 170 30.26 9.89 25.92
CA GLY A 170 29.01 10.51 25.48
C GLY A 170 29.01 10.84 24.00
N LEU A 171 30.13 11.36 23.49
CA LEU A 171 30.19 11.72 22.08
C LEU A 171 30.06 10.50 21.18
N LEU A 172 30.69 9.39 21.56
CA LEU A 172 30.56 8.17 20.77
C LEU A 172 29.22 7.49 21.00
N GLY A 173 28.66 7.61 22.21
CA GLY A 173 27.40 6.96 22.51
C GLY A 173 26.20 7.64 21.88
N ASN A 174 25.90 8.86 22.31
CA ASN A 174 24.74 9.57 21.78
C ASN A 174 24.96 10.11 20.38
N GLY A 175 26.21 10.44 20.03
CA GLY A 175 26.49 10.93 18.69
C GLY A 175 26.22 9.89 17.62
N LEU A 176 26.71 8.67 17.84
CA LEU A 176 26.50 7.60 16.87
C LEU A 176 25.03 7.22 16.77
N ALA A 177 24.32 7.17 17.91
CA ALA A 177 22.91 6.81 17.89
C ALA A 177 22.08 7.83 17.12
N LEU A 178 22.54 9.09 17.05
CA LEU A 178 21.85 10.08 16.26
C LEU A 178 21.97 9.80 14.77
N TRP A 179 23.10 9.23 14.34
CA TRP A 179 23.29 8.89 12.94
C TRP A 179 22.28 7.86 12.47
N ILE A 180 22.01 6.85 13.29
CA ILE A 180 21.12 5.76 12.88
C ILE A 180 19.69 6.26 12.75
N PHE A 181 19.27 7.16 13.63
CA PHE A 181 17.87 7.59 13.66
C PHE A 181 17.49 8.34 12.39
N CYS A 182 18.42 9.09 11.81
CA CYS A 182 18.10 9.95 10.68
C CYS A 182 18.46 9.36 9.33
N PHE A 183 19.46 8.48 9.27
CA PHE A 183 19.94 7.96 7.99
C PHE A 183 19.93 6.44 7.90
N HIS A 184 19.46 5.73 8.92
CA HIS A 184 19.42 4.28 8.90
C HIS A 184 18.08 3.67 9.28
N LEU A 185 17.27 4.36 10.06
CA LEU A 185 15.94 3.83 10.42
C LEU A 185 14.98 4.08 9.27
N LYS A 186 14.47 3.00 8.68
CA LYS A 186 13.64 3.09 7.49
C LYS A 186 12.19 3.46 7.78
N SER A 187 11.74 3.35 9.03
CA SER A 187 10.38 3.70 9.40
C SER A 187 10.39 4.35 10.76
N TRP A 188 9.63 5.44 10.92
CA TRP A 188 9.56 6.21 12.16
C TRP A 188 8.15 6.13 12.70
N LYS A 189 7.96 5.33 13.75
CA LYS A 189 6.67 5.20 14.40
C LYS A 189 6.61 6.13 15.61
N SER A 190 5.53 6.01 16.40
CA SER A 190 5.33 6.90 17.52
C SER A 190 6.41 6.72 18.59
N SER A 191 6.77 5.47 18.89
CA SER A 191 7.71 5.22 19.98
C SER A 191 9.14 5.62 19.62
N ARG A 192 9.53 5.50 18.35
CA ARG A 192 10.86 5.93 17.96
C ARG A 192 10.97 7.45 17.90
N ILE A 193 9.85 8.16 17.79
CA ILE A 193 9.88 9.62 17.83
C ILE A 193 10.23 10.09 19.23
N PHE A 194 9.60 9.50 20.26
CA PHE A 194 9.88 9.88 21.64
C PHE A 194 11.31 9.51 22.02
N LEU A 195 11.79 8.34 21.57
CA LEU A 195 13.16 7.95 21.86
C LEU A 195 14.17 8.86 21.18
N PHE A 196 13.86 9.36 19.98
CA PHE A 196 14.79 10.24 19.28
C PHE A 196 15.01 11.53 20.05
N ASN A 197 13.95 12.11 20.61
CA ASN A 197 14.10 13.35 21.37
C ASN A 197 14.93 13.13 22.63
N LEU A 198 14.95 11.90 23.16
CA LEU A 198 15.80 11.60 24.31
C LEU A 198 17.27 11.78 23.97
N ALA A 199 17.68 11.41 22.76
CA ALA A 199 19.04 11.63 22.32
C ALA A 199 19.33 13.10 22.03
N VAL A 200 18.34 13.83 21.51
CA VAL A 200 18.52 15.26 21.25
C VAL A 200 18.79 16.00 22.54
N ALA A 201 18.01 15.71 23.58
CA ALA A 201 18.23 16.34 24.87
C ALA A 201 19.58 15.94 25.45
N ASP A 202 19.96 14.66 25.32
CA ASP A 202 21.27 14.23 25.79
C ASP A 202 22.39 14.87 24.99
N PHE A 203 22.23 14.98 23.67
CA PHE A 203 23.25 15.60 22.83
C PHE A 203 23.42 17.07 23.17
N LEU A 204 22.32 17.77 23.45
CA LEU A 204 22.41 19.17 23.87
C LEU A 204 23.17 19.32 25.18
N LEU A 205 23.12 18.31 26.03
CA LEU A 205 23.85 18.34 27.29
C LEU A 205 25.29 17.87 27.14
N ILE A 206 25.55 16.92 26.24
CA ILE A 206 26.91 16.44 26.03
C ILE A 206 27.78 17.54 25.41
N ILE A 207 27.23 18.29 24.46
CA ILE A 207 28.01 19.31 23.77
C ILE A 207 28.42 20.44 24.73
N CYS A 208 27.69 20.65 25.82
CA CYS A 208 28.05 21.68 26.78
C CYS A 208 29.08 21.22 27.80
N LEU A 209 29.47 19.95 27.77
CA LEU A 209 30.45 19.44 28.73
C LEU A 209 31.81 20.12 28.64
N PRO A 210 32.41 20.33 27.45
CA PRO A 210 33.77 20.92 27.43
C PRO A 210 33.86 22.28 28.10
N PHE A 211 32.83 23.11 28.01
CA PHE A 211 32.85 24.39 28.70
C PHE A 211 32.93 24.21 30.20
N VAL A 212 32.21 23.23 30.73
CA VAL A 212 32.24 22.96 32.17
C VAL A 212 33.61 22.44 32.58
N MET A 213 34.25 21.65 31.71
CA MET A 213 35.58 21.13 32.02
C MET A 213 36.60 22.26 32.18
N ASP A 214 36.54 23.25 31.29
CA ASP A 214 37.44 24.40 31.41
C ASP A 214 37.17 25.23 32.66
N TYR A 215 35.97 25.11 33.23
CA TYR A 215 35.62 25.89 34.42
C TYR A 215 36.51 25.50 35.60
N TYR A 216 36.70 24.20 35.83
CA TYR A 216 37.47 23.76 36.99
C TYR A 216 38.96 23.93 36.77
N VAL A 217 39.44 23.70 35.55
CA VAL A 217 40.88 23.83 35.28
C VAL A 217 41.35 25.26 35.46
N ARG A 218 40.44 26.23 35.40
CA ARG A 218 40.74 27.62 35.71
C ARG A 218 40.57 27.94 37.18
N ARG A 219 40.61 26.92 38.05
CA ARG A 219 40.41 27.08 39.49
C ARG A 219 39.06 27.72 39.78
N SER A 220 38.01 27.18 39.16
CA SER A 220 36.64 27.66 39.31
C SER A 220 36.51 29.13 38.93
N ASP A 221 36.84 29.41 37.68
CA ASP A 221 36.81 30.78 37.15
C ASP A 221 36.24 30.75 35.74
N TRP A 222 35.08 31.38 35.55
CA TRP A 222 34.47 31.51 34.23
C TRP A 222 35.23 32.59 33.48
N LYS A 223 36.29 32.16 32.78
CA LYS A 223 37.22 33.12 32.19
C LYS A 223 36.53 34.01 31.15
N PHE A 224 35.71 33.43 30.30
CA PHE A 224 35.03 34.16 29.25
C PHE A 224 33.52 33.90 29.31
N GLY A 225 32.75 34.81 28.72
CA GLY A 225 31.33 34.64 28.65
C GLY A 225 30.56 35.14 29.85
N ASP A 226 30.69 36.44 30.14
CA ASP A 226 29.96 37.03 31.26
C ASP A 226 28.45 36.92 31.05
N ILE A 227 27.98 37.23 29.85
CA ILE A 227 26.58 37.06 29.50
C ILE A 227 26.30 35.61 29.13
N PRO A 228 27.16 34.93 28.36
CA PRO A 228 26.92 33.49 28.12
C PRO A 228 26.91 32.63 29.38
N CYS A 229 27.43 33.12 30.50
CA CYS A 229 27.29 32.38 31.76
C CYS A 229 25.83 32.08 32.05
N ARG A 230 24.94 33.05 31.77
CA ARG A 230 23.52 32.79 31.85
C ARG A 230 23.09 31.80 30.75
N LEU A 231 23.63 31.96 29.55
CA LEU A 231 23.21 31.11 28.43
C LEU A 231 23.60 29.66 28.65
N VAL A 232 24.85 29.43 29.06
CA VAL A 232 25.30 28.06 29.30
C VAL A 232 24.49 27.43 30.41
N LEU A 233 24.30 28.15 31.52
CA LEU A 233 23.55 27.63 32.65
C LEU A 233 22.07 27.44 32.34
N PHE A 234 21.56 28.07 31.30
CA PHE A 234 20.16 27.91 30.93
C PHE A 234 19.93 26.64 30.14
N MET A 235 20.62 26.50 29.00
CA MET A 235 20.48 25.32 28.16
C MET A 235 21.01 24.06 28.84
N PHE A 236 21.93 24.22 29.81
CA PHE A 236 22.45 23.08 30.55
C PHE A 236 21.37 22.43 31.40
N ALA A 237 20.63 23.25 32.16
CA ALA A 237 19.50 22.75 32.92
C ALA A 237 18.27 22.50 32.07
N MET A 238 18.23 23.03 30.84
CA MET A 238 17.18 22.68 29.90
C MET A 238 17.23 21.19 29.58
N ASN A 239 18.42 20.66 29.33
CA ASN A 239 18.56 19.28 28.89
C ASN A 239 18.30 18.30 30.02
N ARG A 240 18.81 18.58 31.23
CA ARG A 240 18.65 17.64 32.34
C ARG A 240 17.18 17.42 32.65
N GLN A 241 16.41 18.51 32.78
CA GLN A 241 14.99 18.36 33.01
C GLN A 241 14.27 17.89 31.76
N GLY A 242 14.76 18.27 30.58
CA GLY A 242 14.18 17.78 29.34
C GLY A 242 14.46 16.32 29.06
N SER A 243 15.54 15.78 29.63
CA SER A 243 15.82 14.35 29.50
C SER A 243 14.91 13.52 30.41
N ILE A 244 14.60 14.05 31.58
CA ILE A 244 13.71 13.33 32.50
C ILE A 244 12.32 13.21 31.91
N ILE A 245 11.81 14.29 31.32
CA ILE A 245 10.46 14.28 30.75
C ILE A 245 10.37 13.24 29.64
N PHE A 246 11.42 13.10 28.85
CA PHE A 246 11.45 12.11 27.78
C PHE A 246 11.91 10.74 28.25
N LEU A 247 12.19 10.59 29.55
CA LEU A 247 12.38 9.29 30.16
C LEU A 247 11.09 8.74 30.76
N THR A 248 10.24 9.62 31.28
CA THR A 248 8.94 9.21 31.80
C THR A 248 7.96 8.90 30.67
N VAL A 249 8.02 9.67 29.58
CA VAL A 249 7.11 9.44 28.45
C VAL A 249 7.38 8.07 27.83
N VAL A 250 8.65 7.70 27.68
CA VAL A 250 8.98 6.39 27.16
C VAL A 250 8.46 5.30 28.07
N ALA A 251 8.62 5.48 29.39
CA ALA A 251 8.12 4.49 30.34
C ALA A 251 6.59 4.48 30.40
N VAL A 252 5.95 5.64 30.23
CA VAL A 252 4.50 5.69 30.18
C VAL A 252 3.99 5.05 28.90
N ASP A 253 4.67 5.29 27.78
CA ASP A 253 4.26 4.70 26.52
C ASP A 253 4.34 3.18 26.56
N ARG A 254 5.40 2.65 27.19
CA ARG A 254 5.52 1.20 27.33
C ARG A 254 4.45 0.63 28.25
N TYR A 255 3.98 1.44 29.22
CA TYR A 255 2.93 0.96 30.12
C TYR A 255 1.61 0.80 29.38
N PHE A 256 1.32 1.65 28.40
CA PHE A 256 0.08 1.57 27.64
C PHE A 256 0.12 0.50 26.57
N ARG A 257 1.28 -0.15 26.35
CA ARG A 257 1.42 -1.18 25.34
C ARG A 257 1.36 -2.59 25.91
N VAL A 258 1.36 -2.74 27.24
CA VAL A 258 1.39 -4.06 27.85
C VAL A 258 0.20 -4.24 28.77
N VAL A 259 -0.30 -3.13 29.33
CA VAL A 259 -1.41 -3.20 30.27
C VAL A 259 -2.75 -2.82 29.64
N HIS A 260 -2.74 -2.03 28.57
CA HIS A 260 -3.94 -1.70 27.80
C HIS A 260 -3.65 -1.94 26.33
N PRO A 261 -3.53 -3.22 25.93
CA PRO A 261 -3.09 -3.51 24.56
C PRO A 261 -4.01 -2.97 23.48
N HIS A 262 -5.32 -2.93 23.74
CA HIS A 262 -6.30 -2.51 22.75
C HIS A 262 -6.64 -1.03 22.85
N HIS A 263 -5.91 -0.27 23.66
CA HIS A 263 -6.19 1.15 23.79
C HIS A 263 -5.85 1.88 22.50
N ALA A 264 -6.49 3.04 22.30
CA ALA A 264 -6.27 3.83 21.10
C ALA A 264 -4.98 4.65 21.16
N LEU A 265 -4.32 4.71 22.32
CA LEU A 265 -3.09 5.50 22.46
C LEU A 265 -1.86 4.80 21.91
N ASN A 266 -1.97 3.53 21.52
CA ASN A 266 -0.84 2.80 20.96
C ASN A 266 -0.75 2.90 19.44
N LYS A 267 -1.74 3.51 18.79
CA LYS A 267 -1.77 3.60 17.34
C LYS A 267 -1.83 5.06 16.86
N ILE A 268 -1.33 5.98 17.68
CA ILE A 268 -1.29 7.38 17.28
C ILE A 268 -0.29 7.55 16.14
N SER A 269 -0.66 8.34 15.13
CA SER A 269 0.17 8.51 13.96
C SER A 269 1.42 9.32 14.30
N ASN A 270 2.38 9.31 13.36
CA ASN A 270 3.63 10.04 13.58
C ASN A 270 3.40 11.53 13.73
N TRP A 271 2.31 12.06 13.15
CA TRP A 271 2.03 13.49 13.28
C TRP A 271 1.62 13.84 14.70
N THR A 272 0.73 13.03 15.29
CA THR A 272 0.30 13.29 16.67
C THR A 272 1.45 13.10 17.66
N ALA A 273 2.40 12.22 17.34
CA ALA A 273 3.56 12.05 18.20
C ALA A 273 4.45 13.28 18.21
N ALA A 274 4.55 13.97 17.07
CA ALA A 274 5.36 15.18 16.98
C ALA A 274 4.71 16.37 17.69
N ILE A 275 3.39 16.47 17.66
CA ILE A 275 2.72 17.56 18.36
C ILE A 275 2.89 17.44 19.87
N ILE A 276 2.73 16.23 20.40
CA ILE A 276 2.95 16.01 21.83
C ILE A 276 4.40 16.26 22.19
N SER A 277 5.33 15.76 21.38
CA SER A 277 6.75 15.95 21.64
C SER A 277 7.12 17.43 21.58
N CYS A 278 6.54 18.17 20.64
CA CYS A 278 6.82 19.60 20.54
C CYS A 278 6.36 20.33 21.80
N LEU A 279 5.18 19.99 22.31
CA LEU A 279 4.69 20.62 23.54
C LEU A 279 5.57 20.28 24.72
N LEU A 280 6.05 19.02 24.80
CA LEU A 280 6.90 18.62 25.92
C LEU A 280 8.18 19.44 25.95
N TRP A 281 8.76 19.73 24.79
CA TRP A 281 9.89 20.65 24.74
C TRP A 281 9.47 22.04 25.20
N GLY A 282 8.23 22.44 24.91
CA GLY A 282 7.77 23.76 25.31
C GLY A 282 7.68 23.94 26.81
N ILE A 283 7.13 22.94 27.52
CA ILE A 283 6.98 23.06 28.96
C ILE A 283 8.33 22.96 29.68
N THR A 284 9.37 22.47 28.99
CA THR A 284 10.68 22.39 29.63
C THR A 284 11.24 23.77 29.92
N VAL A 285 11.06 24.72 28.99
CA VAL A 285 11.58 26.06 29.22
C VAL A 285 10.79 26.78 30.30
N GLY A 286 9.52 26.41 30.49
CA GLY A 286 8.70 27.09 31.47
C GLY A 286 9.22 26.95 32.88
N LEU A 287 9.93 25.87 33.17
CA LEU A 287 10.57 25.66 34.46
C LEU A 287 12.05 25.98 34.44
N THR A 288 12.56 26.54 33.34
CA THR A 288 14.00 26.75 33.19
C THR A 288 14.32 28.18 32.75
N VAL A 289 13.41 28.79 31.96
CA VAL A 289 13.69 30.09 31.34
C VAL A 289 13.87 31.18 32.37
N HIS A 290 13.42 30.97 33.61
CA HIS A 290 13.60 31.97 34.65
C HIS A 290 15.06 32.16 35.04
N LEU A 291 15.95 31.26 34.61
CA LEU A 291 17.38 31.43 34.87
C LEU A 291 17.91 32.68 34.19
N LEU A 292 17.46 32.95 32.95
CA LEU A 292 17.99 34.08 32.19
C LEU A 292 17.58 35.42 32.80
N LYS A 293 16.38 35.51 33.37
CA LYS A 293 15.89 36.78 33.90
C LYS A 293 16.77 37.29 35.03
N LYS A 294 17.03 36.44 36.02
CA LYS A 294 17.80 36.85 37.18
C LYS A 294 19.27 37.04 36.84
N LYS A 295 19.92 37.92 37.59
CA LYS A 295 21.35 38.19 37.39
C LYS A 295 22.19 37.09 38.02
N LEU A 296 23.24 36.68 37.31
CA LEU A 296 24.13 35.62 37.77
C LEU A 296 25.57 36.12 37.80
N LEU A 297 26.52 35.19 38.00
CA LEU A 297 27.95 35.48 37.96
C LEU A 297 28.34 36.51 39.03
N ILE A 298 28.16 36.11 40.29
CA ILE A 298 28.61 36.94 41.41
C ILE A 298 30.13 36.98 41.42
N GLN A 299 30.67 38.12 41.85
CA GLN A 299 32.12 38.33 41.85
C GLN A 299 32.66 38.18 43.26
N ASN A 300 33.65 37.32 43.43
CA ASN A 300 34.30 37.10 44.73
C ASN A 300 35.56 37.94 44.84
N GLY A 301 35.38 39.25 44.70
CA GLY A 301 36.49 40.18 44.77
C GLY A 301 37.30 40.23 43.49
N THR A 302 38.08 39.18 43.25
CA THR A 302 38.84 39.03 42.02
C THR A 302 38.39 37.87 41.16
N ALA A 303 37.90 36.79 41.77
CA ALA A 303 37.39 35.64 41.04
C ALA A 303 35.90 35.78 40.78
N ASN A 304 35.41 35.06 39.78
CA ASN A 304 34.01 35.07 39.40
C ASN A 304 33.50 33.64 39.36
N VAL A 305 32.25 33.44 39.79
CA VAL A 305 31.65 32.12 39.89
C VAL A 305 30.34 32.12 39.13
N CYS A 306 30.20 31.19 38.18
CA CYS A 306 28.96 30.98 37.43
C CYS A 306 28.27 29.76 38.05
N ILE A 307 27.58 29.99 39.16
CA ILE A 307 26.98 28.93 39.95
C ILE A 307 25.51 29.28 40.19
N SER A 308 24.62 28.29 39.97
CA SER A 308 23.21 28.45 40.23
C SER A 308 22.71 27.68 41.43
N PHE A 309 23.48 26.72 41.93
CA PHE A 309 23.11 25.89 43.07
C PHE A 309 23.83 26.30 44.34
N SER A 310 24.02 27.60 44.55
CA SER A 310 24.71 28.08 45.74
C SER A 310 23.92 27.72 47.00
N ILE A 311 24.64 27.45 48.08
CA ILE A 311 24.03 27.06 49.34
C ILE A 311 23.54 28.29 50.07
N CYS A 312 22.27 28.66 49.84
CA CYS A 312 21.68 29.82 50.48
C CYS A 312 20.22 29.52 50.76
N HIS A 313 19.79 29.70 52.01
CA HIS A 313 18.43 29.35 52.40
C HIS A 313 17.43 30.37 51.88
N THR A 314 16.86 30.10 50.70
CA THR A 314 15.85 30.95 50.09
C THR A 314 14.81 30.08 49.41
N PHE A 315 13.60 30.63 49.27
CA PHE A 315 12.50 29.92 48.61
C PHE A 315 12.51 30.19 47.10
N ARG A 316 13.66 29.92 46.48
CA ARG A 316 13.81 30.11 45.05
C ARG A 316 13.03 29.04 44.28
N TRP A 317 12.42 29.45 43.17
CA TRP A 317 11.67 28.50 42.35
C TRP A 317 12.59 27.46 41.74
N HIS A 318 13.80 27.87 41.33
CA HIS A 318 14.77 26.91 40.82
C HIS A 318 15.25 25.96 41.92
N GLU A 319 15.21 26.41 43.17
CA GLU A 319 15.71 25.59 44.27
C GLU A 319 14.81 24.37 44.50
N ALA A 320 13.50 24.59 44.59
CA ALA A 320 12.58 23.50 44.89
C ALA A 320 12.33 22.60 43.69
N MET A 321 12.59 23.09 42.48
CA MET A 321 12.33 22.29 41.29
C MET A 321 13.23 21.07 41.23
N PHE A 322 14.40 21.14 41.87
CA PHE A 322 15.33 20.00 41.92
C PHE A 322 14.69 18.80 42.60
N LEU A 323 13.77 19.04 43.53
CA LEU A 323 13.09 17.96 44.24
C LEU A 323 11.89 17.43 43.47
N LEU A 324 11.17 18.29 42.75
CA LEU A 324 10.02 17.82 41.97
C LEU A 324 10.46 17.11 40.70
N GLU A 325 11.63 17.46 40.17
CA GLU A 325 12.14 16.82 38.96
C GLU A 325 12.50 15.36 39.17
N PHE A 326 12.57 14.90 40.42
CA PHE A 326 12.96 13.53 40.72
C PHE A 326 11.85 12.73 41.39
N PHE A 327 11.19 13.29 42.40
CA PHE A 327 10.20 12.53 43.16
C PHE A 327 8.98 12.20 42.31
N LEU A 328 8.45 13.20 41.59
CA LEU A 328 7.28 12.96 40.75
C LEU A 328 7.56 11.96 39.63
N PRO A 329 8.65 12.06 38.86
CA PRO A 329 8.94 11.00 37.89
C PRO A 329 9.16 9.64 38.55
N LEU A 330 9.73 9.59 39.75
CA LEU A 330 9.89 8.32 40.44
C LEU A 330 8.56 7.74 40.88
N GLY A 331 7.53 8.57 41.03
CA GLY A 331 6.19 8.10 41.32
C GLY A 331 5.41 7.67 40.11
N ILE A 332 6.01 7.75 38.92
CA ILE A 332 5.38 7.34 37.67
C ILE A 332 6.20 6.27 36.97
N ILE A 333 7.51 6.50 36.85
CA ILE A 333 8.39 5.53 36.19
C ILE A 333 8.39 4.21 36.94
N LEU A 334 8.53 4.27 38.28
CA LEU A 334 8.55 3.05 39.07
C LEU A 334 7.21 2.32 39.00
N PHE A 335 6.10 3.05 39.13
CA PHE A 335 4.79 2.42 39.09
C PHE A 335 4.50 1.81 37.72
N CYS A 336 4.84 2.53 36.66
CA CYS A 336 4.60 2.02 35.31
C CYS A 336 5.39 0.76 35.04
N SER A 337 6.66 0.74 35.48
CA SER A 337 7.48 -0.46 35.28
C SER A 337 7.08 -1.60 36.21
N ALA A 338 6.31 -1.33 37.26
CA ALA A 338 5.84 -2.40 38.12
C ALA A 338 4.76 -3.23 37.44
N ARG A 339 3.79 -2.56 36.79
CA ARG A 339 2.72 -3.28 36.13
C ARG A 339 3.23 -4.01 34.88
N ILE A 340 4.18 -3.41 34.16
CA ILE A 340 4.77 -4.06 33.00
C ILE A 340 5.44 -5.37 33.40
N ILE A 341 6.22 -5.33 34.48
CA ILE A 341 6.92 -6.53 34.95
C ILE A 341 6.04 -7.46 35.75
N TRP A 342 4.76 -7.11 35.94
CA TRP A 342 3.81 -7.97 36.63
C TRP A 342 2.75 -8.53 35.70
N SER A 343 2.18 -7.71 34.81
CA SER A 343 1.22 -8.20 33.86
C SER A 343 1.85 -9.17 32.86
N LEU A 344 3.12 -8.94 32.50
CA LEU A 344 3.84 -9.89 31.67
C LEU A 344 4.10 -11.21 32.37
N ARG A 345 3.98 -11.26 33.69
CA ARG A 345 4.16 -12.48 34.46
C ARG A 345 2.86 -13.20 34.75
N GLN A 346 1.78 -12.45 35.01
CA GLN A 346 0.48 -13.07 35.24
C GLN A 346 -0.02 -13.79 33.99
N ARG A 347 0.20 -13.20 32.82
CA ARG A 347 -0.23 -13.79 31.56
C ARG A 347 0.69 -14.90 31.07
N GLN A 348 1.71 -15.25 31.86
CA GLN A 348 2.62 -16.36 31.57
C GLN A 348 3.37 -16.18 30.26
N MET A 349 3.52 -14.94 29.78
CA MET A 349 4.27 -14.70 28.56
C MET A 349 5.77 -14.62 28.78
N ASP A 350 6.23 -14.65 30.03
CA ASP A 350 7.66 -14.53 30.30
C ASP A 350 8.41 -15.73 29.74
N ARG A 351 7.93 -16.94 30.01
CA ARG A 351 8.61 -18.15 29.58
C ARG A 351 8.36 -18.43 28.10
N HIS A 352 9.20 -19.30 27.55
CA HIS A 352 9.06 -19.79 26.16
C HIS A 352 9.04 -18.63 25.16
N ALA A 353 9.88 -17.64 25.38
CA ALA A 353 9.99 -16.49 24.49
C ALA A 353 11.25 -15.70 24.85
N LYS A 354 11.54 -14.69 24.04
CA LYS A 354 12.61 -13.75 24.33
C LYS A 354 12.16 -12.61 25.23
N ILE A 355 10.91 -12.64 25.70
CA ILE A 355 10.36 -11.58 26.54
C ILE A 355 11.18 -11.40 27.81
N LYS A 356 11.85 -12.46 28.26
CA LYS A 356 12.70 -12.36 29.45
C LYS A 356 13.71 -11.23 29.32
N ARG A 357 14.26 -11.04 28.11
CA ARG A 357 15.15 -9.92 27.87
C ARG A 357 14.42 -8.59 27.99
N ALA A 358 13.18 -8.54 27.50
CA ALA A 358 12.41 -7.30 27.56
C ALA A 358 12.07 -6.92 29.00
N ILE A 359 11.73 -7.91 29.84
CA ILE A 359 11.44 -7.60 31.24
C ILE A 359 12.69 -7.13 31.96
N THR A 360 13.86 -7.66 31.59
CA THR A 360 15.10 -7.21 32.21
C THR A 360 15.35 -5.72 31.95
N PHE A 361 15.09 -5.28 30.72
CA PHE A 361 15.34 -3.88 30.37
C PHE A 361 14.31 -2.93 30.97
N ILE A 362 13.09 -3.41 31.25
CA ILE A 362 12.12 -2.59 31.98
C ILE A 362 12.51 -2.39 33.44
N MET A 363 13.45 -3.19 33.95
CA MET A 363 13.99 -3.02 35.28
C MET A 363 15.38 -2.41 35.30
N VAL A 364 16.17 -2.61 34.24
CA VAL A 364 17.46 -1.95 34.14
C VAL A 364 17.28 -0.44 34.01
N VAL A 365 16.24 -0.03 33.26
CA VAL A 365 15.96 1.40 33.10
C VAL A 365 15.66 2.05 34.44
N ALA A 366 14.84 1.38 35.26
CA ALA A 366 14.51 1.94 36.57
C ALA A 366 15.72 2.01 37.48
N ILE A 367 16.67 1.07 37.32
CA ILE A 367 17.88 1.09 38.14
C ILE A 367 18.77 2.27 37.74
N VAL A 368 18.92 2.51 36.44
CA VAL A 368 19.77 3.59 35.96
C VAL A 368 19.25 4.94 36.43
N PHE A 369 17.93 5.15 36.34
CA PHE A 369 17.35 6.42 36.75
C PHE A 369 17.58 6.69 38.24
N VAL A 370 17.42 5.66 39.07
CA VAL A 370 17.63 5.83 40.50
C VAL A 370 19.12 6.02 40.80
N ILE A 371 19.99 5.26 40.14
CA ILE A 371 21.42 5.34 40.42
C ILE A 371 21.96 6.73 40.08
N CYS A 372 21.51 7.30 38.96
CA CYS A 372 22.11 8.53 38.45
C CYS A 372 21.48 9.79 39.02
N PHE A 373 20.39 9.70 39.78
CA PHE A 373 19.71 10.91 40.23
C PHE A 373 19.53 10.96 41.74
N LEU A 374 19.33 9.80 42.38
CA LEU A 374 19.09 9.77 43.83
C LEU A 374 20.27 10.34 44.63
N PRO A 375 21.53 9.98 44.38
CA PRO A 375 22.62 10.53 45.20
C PRO A 375 22.71 12.04 45.16
N SER A 376 22.38 12.67 44.03
CA SER A 376 22.39 14.13 43.96
C SER A 376 21.29 14.73 44.81
N VAL A 377 20.10 14.11 44.81
CA VAL A 377 18.97 14.67 45.52
C VAL A 377 19.16 14.58 47.03
N VAL A 378 19.62 13.43 47.52
CA VAL A 378 19.68 13.22 48.96
C VAL A 378 20.65 14.20 49.62
N VAL A 379 21.80 14.43 49.01
CA VAL A 379 22.76 15.38 49.55
C VAL A 379 22.22 16.80 49.52
N ARG A 380 21.29 17.09 48.61
CA ARG A 380 20.70 18.43 48.57
C ARG A 380 19.68 18.62 49.70
N ILE A 381 18.90 17.58 50.01
CA ILE A 381 17.92 17.69 51.08
C ILE A 381 18.62 17.87 52.43
N HIS A 382 19.79 17.24 52.60
CA HIS A 382 20.56 17.44 53.83
C HIS A 382 20.97 18.90 53.99
N ILE A 383 21.32 19.56 52.88
CA ILE A 383 21.66 20.98 52.93
C ILE A 383 20.47 21.79 53.43
N PHE A 384 19.26 21.43 53.00
CA PHE A 384 18.07 22.11 53.49
C PHE A 384 17.92 21.95 55.00
N TRP A 385 18.22 20.75 55.53
CA TRP A 385 18.15 20.53 56.96
C TRP A 385 19.12 21.45 57.71
N LEU A 386 20.35 21.57 57.21
CA LEU A 386 21.29 22.51 57.81
C LEU A 386 20.87 23.96 57.57
N LEU A 387 20.25 24.24 56.42
CA LEU A 387 19.76 25.59 56.16
C LEU A 387 18.62 25.97 57.09
N HIS A 388 17.69 25.04 57.34
CA HIS A 388 16.55 25.34 58.18
C HIS A 388 16.94 25.41 59.66
N THR A 389 17.80 24.50 60.11
CA THR A 389 18.25 24.45 61.50
C THR A 389 19.77 24.44 61.55
N SER A 390 20.33 25.28 62.42
CA SER A 390 21.78 25.35 62.64
C SER A 390 22.53 25.66 61.35
N GLY A 391 22.28 26.85 60.83
CA GLY A 391 22.95 27.28 59.62
C GLY A 391 22.62 28.71 59.28
N THR A 392 23.02 29.11 58.07
CA THR A 392 22.75 30.42 57.48
C THR A 392 23.52 31.54 58.19
N GLN A 393 24.23 31.21 59.26
CA GLN A 393 25.11 32.16 59.94
C GLN A 393 26.56 31.72 59.90
N ASN A 394 26.85 30.50 60.34
CA ASN A 394 28.18 29.90 60.23
C ASN A 394 28.08 28.73 59.27
N CYS A 395 28.64 28.91 58.07
CA CYS A 395 28.53 27.94 57.00
C CYS A 395 29.82 27.16 56.78
N GLU A 396 30.63 27.02 57.83
CA GLU A 396 31.81 26.15 57.75
C GLU A 396 31.40 24.71 57.52
N VAL A 397 30.33 24.26 58.17
CA VAL A 397 29.82 22.91 57.98
C VAL A 397 29.34 22.69 56.56
N TYR A 398 29.02 23.77 55.83
CA TYR A 398 28.58 23.65 54.44
C TYR A 398 29.69 23.17 53.51
N ARG A 399 30.94 23.17 53.96
CA ARG A 399 32.04 22.82 53.07
C ARG A 399 31.94 21.37 52.58
N SER A 400 31.58 20.45 53.48
CA SER A 400 31.51 19.04 53.10
C SER A 400 30.33 18.78 52.17
N VAL A 401 29.15 19.30 52.51
CA VAL A 401 27.96 19.00 51.73
C VAL A 401 28.00 19.68 50.38
N ASP A 402 28.43 20.95 50.33
CA ASP A 402 28.50 21.67 49.06
C ASP A 402 29.49 21.01 48.12
N LEU A 403 30.65 20.60 48.64
CA LEU A 403 31.60 19.85 47.83
C LEU A 403 31.01 18.52 47.39
N ALA A 404 30.33 17.81 48.30
CA ALA A 404 29.68 16.56 47.93
C ALA A 404 28.60 16.79 46.90
N PHE A 405 27.80 17.85 47.08
CA PHE A 405 26.77 18.17 46.10
C PHE A 405 27.38 18.43 44.73
N PHE A 406 28.52 19.15 44.69
CA PHE A 406 29.19 19.39 43.43
C PHE A 406 29.68 18.09 42.81
N ILE A 407 30.25 17.20 43.63
CA ILE A 407 30.74 15.92 43.11
C ILE A 407 29.59 15.00 42.75
N THR A 408 28.54 14.95 43.60
CA THR A 408 27.42 14.07 43.31
C THR A 408 26.67 14.49 42.06
N LEU A 409 26.80 15.75 41.65
CA LEU A 409 26.20 16.20 40.40
C LEU A 409 26.82 15.48 39.20
N SER A 410 28.01 14.92 39.36
CA SER A 410 28.64 14.16 38.27
C SER A 410 27.82 12.94 37.90
N PHE A 411 26.99 12.44 38.83
CA PHE A 411 26.15 11.29 38.52
C PHE A 411 25.07 11.64 37.50
N THR A 412 24.67 12.92 37.43
CA THR A 412 23.66 13.33 36.45
C THR A 412 24.17 13.15 35.03
N TYR A 413 25.44 13.49 34.77
CA TYR A 413 26.00 13.28 33.44
C TYR A 413 26.09 11.81 33.08
N MET A 414 26.15 10.92 34.08
CA MET A 414 26.22 9.50 33.80
C MET A 414 24.98 9.02 33.07
N ASN A 415 23.79 9.47 33.50
CA ASN A 415 22.56 9.08 32.83
C ASN A 415 22.58 9.41 31.36
N SER A 416 23.26 10.50 30.98
CA SER A 416 23.39 10.85 29.57
C SER A 416 24.32 9.92 28.82
N MET A 417 25.05 9.05 29.52
CA MET A 417 26.01 8.14 28.89
C MET A 417 25.47 6.73 28.70
N LEU A 418 24.81 6.16 29.73
CA LEU A 418 24.26 4.82 29.58
C LEU A 418 22.95 4.79 28.80
N ASP A 419 22.39 5.94 28.45
CA ASP A 419 21.13 5.94 27.70
C ASP A 419 21.24 5.22 26.36
N PRO A 420 22.21 5.52 25.50
CA PRO A 420 22.33 4.73 24.26
C PRO A 420 22.61 3.27 24.52
N VAL A 421 23.35 2.94 25.59
CA VAL A 421 23.67 1.55 25.89
C VAL A 421 22.40 0.79 26.29
N VAL A 422 21.53 1.42 27.09
CA VAL A 422 20.38 0.73 27.64
C VAL A 422 19.14 0.93 26.77
N TYR A 423 18.92 2.13 26.23
CA TYR A 423 17.68 2.43 25.53
C TYR A 423 17.73 2.04 24.06
N TYR A 424 18.77 2.45 23.34
CA TYR A 424 18.81 2.23 21.89
C TYR A 424 19.55 0.93 21.52
N PHE A 425 20.83 0.83 21.90
CA PHE A 425 21.65 -0.27 21.42
C PHE A 425 21.25 -1.60 22.05
N SER A 426 20.73 -1.58 23.28
CA SER A 426 20.28 -2.81 23.91
C SER A 426 19.13 -3.43 23.14
N SER A 427 18.19 -2.61 22.67
CA SER A 427 17.06 -3.08 21.90
C SER A 427 17.51 -3.47 20.48
N PRO A 428 16.85 -4.47 19.87
CA PRO A 428 17.15 -4.90 18.50
C PRO A 428 16.92 -3.80 17.47
N SER B 6 -5.13 24.21 -17.90
CA SER B 6 -4.81 23.90 -16.51
C SER B 6 -6.04 24.07 -15.62
N ALA B 7 -7.08 24.71 -16.16
CA ALA B 7 -8.32 24.85 -15.41
C ALA B 7 -9.00 23.51 -15.20
N GLU B 8 -9.00 22.65 -16.23
CA GLU B 8 -9.52 21.30 -16.12
C GLU B 8 -8.48 20.31 -15.65
N ASP B 9 -7.26 20.77 -15.36
CA ASP B 9 -6.19 19.93 -14.85
C ASP B 9 -6.01 20.10 -13.35
N LYS B 10 -6.11 21.32 -12.85
CA LYS B 10 -6.08 21.53 -11.40
C LYS B 10 -7.31 20.92 -10.72
N ALA B 11 -8.43 20.82 -11.45
CA ALA B 11 -9.60 20.13 -10.93
C ALA B 11 -9.43 18.62 -10.92
N ALA B 12 -8.55 18.09 -11.77
CA ALA B 12 -8.24 16.67 -11.76
C ALA B 12 -7.24 16.28 -10.68
N VAL B 13 -6.62 17.26 -10.02
CA VAL B 13 -5.70 16.97 -8.92
C VAL B 13 -6.45 16.87 -7.59
N GLU B 14 -7.41 17.76 -7.36
CA GLU B 14 -8.18 17.72 -6.12
C GLU B 14 -9.14 16.54 -6.08
N ARG B 15 -9.44 15.91 -7.22
CA ARG B 15 -10.14 14.63 -7.20
C ARG B 15 -9.19 13.51 -6.78
N SER B 16 -7.92 13.58 -7.22
CA SER B 16 -6.93 12.63 -6.78
C SER B 16 -6.58 12.77 -5.31
N LYS B 17 -6.96 13.89 -4.69
CA LYS B 17 -6.74 14.09 -3.26
C LYS B 17 -7.94 13.65 -2.43
N MET B 18 -9.17 13.80 -2.97
CA MET B 18 -10.33 13.25 -2.29
C MET B 18 -10.32 11.72 -2.32
N ILE B 19 -9.76 11.13 -3.37
CA ILE B 19 -9.57 9.69 -3.40
C ILE B 19 -8.49 9.26 -2.40
N ASP B 20 -7.45 10.07 -2.28
CA ASP B 20 -6.35 9.75 -1.36
C ASP B 20 -6.83 9.66 0.08
N ARG B 21 -7.65 10.61 0.52
CA ARG B 21 -8.10 10.60 1.90
C ARG B 21 -9.15 9.53 2.15
N ASN B 22 -9.89 9.13 1.11
CA ASN B 22 -10.85 8.05 1.27
C ASN B 22 -10.18 6.68 1.40
N LEU B 23 -8.94 6.55 0.89
CA LEU B 23 -8.20 5.31 1.10
C LEU B 23 -7.64 5.21 2.51
N ARG B 24 -7.27 6.34 3.11
CA ARG B 24 -6.78 6.32 4.49
C ARG B 24 -7.90 6.10 5.48
N GLU B 25 -9.09 6.66 5.22
CA GLU B 25 -10.22 6.44 6.11
C GLU B 25 -10.61 4.97 6.16
N ASP B 26 -10.65 4.31 5.01
CA ASP B 26 -10.92 2.88 4.97
C ASP B 26 -9.69 2.03 5.26
N GLY B 27 -8.50 2.63 5.23
CA GLY B 27 -7.31 1.89 5.60
C GLY B 27 -7.07 1.86 7.10
N GLU B 28 -7.55 2.87 7.81
CA GLU B 28 -7.47 2.85 9.27
C GLU B 28 -8.49 1.90 9.87
N LYS B 29 -9.63 1.70 9.18
CA LYS B 29 -10.65 0.78 9.68
C LYS B 29 -10.15 -0.66 9.65
N ALA B 30 -9.41 -1.03 8.60
CA ALA B 30 -8.88 -2.39 8.51
C ALA B 30 -7.75 -2.64 9.48
N ALA B 31 -7.08 -1.59 9.97
CA ALA B 31 -6.03 -1.77 10.96
C ALA B 31 -6.61 -2.11 12.33
N ARG B 32 -7.84 -1.69 12.60
CA ARG B 32 -8.52 -1.98 13.86
C ARG B 32 -9.28 -3.30 13.81
N GLU B 33 -8.93 -4.20 12.89
CA GLU B 33 -9.60 -5.47 12.73
C GLU B 33 -8.58 -6.60 12.90
N VAL B 34 -9.02 -7.69 13.52
CA VAL B 34 -8.18 -8.85 13.75
C VAL B 34 -8.54 -9.92 12.74
N LYS B 35 -7.55 -10.36 11.97
CA LYS B 35 -7.75 -11.37 10.93
C LYS B 35 -7.28 -12.72 11.43
N LEU B 36 -8.17 -13.72 11.37
CA LEU B 36 -7.88 -15.07 11.80
C LEU B 36 -8.04 -16.03 10.63
N LEU B 37 -7.13 -16.98 10.52
CA LEU B 37 -7.19 -18.01 9.49
C LEU B 37 -7.64 -19.32 10.13
N LEU B 38 -8.68 -19.92 9.58
CA LEU B 38 -9.27 -21.15 10.11
C LEU B 38 -8.98 -22.30 9.16
N LEU B 39 -8.38 -23.36 9.68
CA LEU B 39 -8.06 -24.55 8.90
C LEU B 39 -8.78 -25.75 9.52
N GLY B 40 -8.62 -26.91 8.89
CA GLY B 40 -9.25 -28.12 9.36
C GLY B 40 -9.13 -29.21 8.34
N ALA B 41 -9.79 -30.33 8.64
CA ALA B 41 -9.79 -31.50 7.78
C ALA B 41 -11.18 -31.80 7.22
N GLY B 42 -11.96 -30.76 6.94
CA GLY B 42 -13.30 -30.93 6.40
C GLY B 42 -14.34 -31.22 7.44
N GLU B 43 -14.31 -32.44 7.99
CA GLU B 43 -15.27 -32.87 9.00
C GLU B 43 -14.72 -32.72 10.42
N SER B 44 -13.61 -32.00 10.59
CA SER B 44 -13.01 -31.84 11.90
C SER B 44 -13.91 -31.08 12.88
N GLY B 45 -14.85 -30.29 12.37
CA GLY B 45 -15.75 -29.53 13.20
C GLY B 45 -15.67 -28.02 13.07
N LYS B 46 -15.20 -27.50 11.93
CA LYS B 46 -15.13 -26.06 11.75
C LYS B 46 -16.51 -25.43 11.74
N SER B 47 -17.52 -26.15 11.24
CA SER B 47 -18.88 -25.62 11.24
C SER B 47 -19.38 -25.42 12.66
N THR B 48 -19.09 -26.34 13.57
CA THR B 48 -19.50 -26.19 14.96
C THR B 48 -18.83 -24.99 15.61
N ILE B 49 -17.54 -24.78 15.33
CA ILE B 49 -16.84 -23.65 15.92
C ILE B 49 -17.37 -22.33 15.37
N VAL B 50 -17.70 -22.30 14.07
CA VAL B 50 -18.17 -21.07 13.45
C VAL B 50 -19.45 -20.57 14.10
N LYS B 51 -20.38 -21.49 14.37
CA LYS B 51 -21.61 -21.10 15.05
C LYS B 51 -21.36 -20.69 16.50
N GLN B 52 -20.31 -21.25 17.12
CA GLN B 52 -20.02 -20.94 18.51
C GLN B 52 -19.65 -19.47 18.70
N MET B 53 -18.82 -18.93 17.80
CA MET B 53 -18.36 -17.55 17.96
C MET B 53 -19.46 -16.54 17.66
N LYS B 54 -20.48 -16.93 16.92
CA LYS B 54 -21.57 -16.01 16.59
C LYS B 54 -22.49 -15.79 17.78
N THR B 182 -19.08 -20.86 -3.80
CA THR B 182 -17.86 -21.53 -3.36
C THR B 182 -16.70 -20.55 -3.27
N GLY B 183 -15.58 -21.02 -2.74
CA GLY B 183 -14.40 -20.18 -2.60
C GLY B 183 -13.90 -20.05 -1.19
N ILE B 184 -13.75 -18.82 -0.72
CA ILE B 184 -13.30 -18.53 0.63
C ILE B 184 -14.42 -17.81 1.36
N VAL B 185 -14.79 -18.31 2.54
CA VAL B 185 -15.90 -17.78 3.31
C VAL B 185 -15.34 -16.89 4.41
N GLU B 186 -15.78 -15.64 4.44
CA GLU B 186 -15.35 -14.67 5.44
C GLU B 186 -16.43 -14.57 6.52
N THR B 187 -16.03 -14.76 7.77
CA THR B 187 -16.93 -14.69 8.91
C THR B 187 -16.53 -13.50 9.79
N HIS B 188 -17.50 -12.67 10.13
CA HIS B 188 -17.29 -11.48 10.93
C HIS B 188 -18.01 -11.62 12.26
N PHE B 189 -17.27 -11.43 13.36
CA PHE B 189 -17.86 -11.43 14.69
C PHE B 189 -17.05 -10.50 15.58
N THR B 190 -17.68 -10.03 16.65
CA THR B 190 -17.07 -9.05 17.54
C THR B 190 -17.16 -9.54 18.98
N PHE B 191 -16.22 -9.08 19.80
CA PHE B 191 -16.15 -9.50 21.20
C PHE B 191 -15.36 -8.46 21.98
N LYS B 192 -15.99 -7.88 23.00
CA LYS B 192 -15.36 -6.88 23.86
C LYS B 192 -14.84 -5.70 23.04
N ASP B 193 -15.71 -5.15 22.19
CA ASP B 193 -15.40 -3.99 21.35
C ASP B 193 -14.20 -4.25 20.43
N LEU B 194 -13.99 -5.52 20.07
CA LEU B 194 -12.91 -5.90 19.18
C LEU B 194 -13.49 -6.66 18.00
N HIS B 195 -13.10 -6.27 16.79
CA HIS B 195 -13.66 -6.84 15.56
C HIS B 195 -12.75 -7.96 15.05
N PHE B 196 -13.35 -9.11 14.77
CA PHE B 196 -12.63 -10.27 14.29
C PHE B 196 -13.11 -10.64 12.89
N LYS B 197 -12.16 -10.95 12.01
CA LYS B 197 -12.45 -11.50 10.69
C LYS B 197 -11.82 -12.87 10.60
N MET B 198 -12.62 -13.87 10.22
CA MET B 198 -12.20 -15.27 10.25
C MET B 198 -12.46 -15.90 8.89
N PHE B 199 -11.40 -16.25 8.19
CA PHE B 199 -11.48 -16.77 6.83
C PHE B 199 -11.29 -18.29 6.83
N ASP B 200 -12.13 -18.97 6.08
CA ASP B 200 -12.06 -20.42 5.91
C ASP B 200 -11.66 -20.75 4.49
N VAL B 201 -10.59 -21.54 4.33
CA VAL B 201 -10.08 -21.90 3.01
C VAL B 201 -10.07 -23.41 2.86
N GLY B 202 -11.00 -24.09 3.51
CA GLY B 202 -11.09 -25.54 3.39
C GLY B 202 -11.79 -26.03 2.16
N ALA B 203 -12.36 -25.13 1.36
CA ALA B 203 -13.06 -25.50 0.13
C ALA B 203 -12.24 -25.20 -1.13
N GLN B 204 -10.97 -24.87 -0.98
CA GLN B 204 -10.14 -24.53 -2.13
C GLN B 204 -9.78 -25.75 -2.95
N ARG B 205 -9.17 -26.75 -2.31
CA ARG B 205 -8.76 -28.00 -2.96
C ARG B 205 -7.81 -27.72 -4.13
N SER B 206 -6.66 -27.13 -3.79
CA SER B 206 -5.62 -26.83 -4.76
C SER B 206 -4.27 -26.99 -4.05
N GLU B 207 -3.21 -26.52 -4.71
CA GLU B 207 -1.88 -26.54 -4.10
C GLU B 207 -1.79 -25.44 -3.06
N ARG B 208 -1.58 -25.83 -1.80
CA ARG B 208 -1.57 -24.86 -0.71
C ARG B 208 -0.43 -23.87 -0.85
N LYS B 209 0.73 -24.33 -1.33
CA LYS B 209 1.93 -23.50 -1.36
C LYS B 209 1.79 -22.30 -2.30
N LYS B 210 0.79 -22.30 -3.19
CA LYS B 210 0.66 -21.22 -4.16
C LYS B 210 -0.11 -20.01 -3.63
N TRP B 211 -1.11 -20.23 -2.79
CA TRP B 211 -1.92 -19.13 -2.26
C TRP B 211 -1.82 -18.95 -0.76
N ILE B 212 -0.96 -19.71 -0.08
CA ILE B 212 -0.87 -19.60 1.37
C ILE B 212 -0.13 -18.33 1.79
N HIS B 213 0.63 -17.72 0.89
CA HIS B 213 1.33 -16.49 1.22
C HIS B 213 0.43 -15.27 1.26
N CYS B 214 -0.80 -15.37 0.73
CA CYS B 214 -1.74 -14.27 0.83
C CYS B 214 -2.16 -14.02 2.27
N PHE B 215 -2.16 -15.06 3.09
CA PHE B 215 -2.57 -14.97 4.48
C PHE B 215 -1.41 -14.69 5.43
N GLU B 216 -0.22 -14.45 4.89
CA GLU B 216 0.93 -14.10 5.73
C GLU B 216 0.69 -12.73 6.35
N GLY B 217 0.40 -12.71 7.64
CA GLY B 217 0.10 -11.48 8.34
C GLY B 217 -1.10 -11.57 9.24
N VAL B 218 -1.71 -12.77 9.29
CA VAL B 218 -2.86 -12.96 10.17
C VAL B 218 -2.39 -12.98 11.63
N ALA B 219 -3.31 -12.61 12.53
CA ALA B 219 -2.98 -12.56 13.95
C ALA B 219 -2.69 -13.95 14.49
N ALA B 220 -3.56 -14.91 14.20
CA ALA B 220 -3.40 -16.27 14.68
C ALA B 220 -4.12 -17.23 13.75
N ILE B 221 -3.78 -18.50 13.87
CA ILE B 221 -4.37 -19.56 13.07
C ILE B 221 -5.21 -20.44 14.00
N ILE B 222 -6.50 -20.56 13.70
CA ILE B 222 -7.40 -21.38 14.49
C ILE B 222 -7.47 -22.75 13.83
N PHE B 223 -6.78 -23.73 14.41
CA PHE B 223 -6.73 -25.08 13.87
C PHE B 223 -7.73 -25.96 14.61
N CYS B 224 -8.58 -26.65 13.85
CA CYS B 224 -9.63 -27.49 14.42
C CYS B 224 -9.30 -28.95 14.08
N VAL B 225 -9.22 -29.79 15.11
CA VAL B 225 -8.95 -31.21 14.97
C VAL B 225 -10.01 -31.97 15.76
N ALA B 226 -10.63 -32.96 15.14
CA ALA B 226 -11.66 -33.77 15.79
C ALA B 226 -11.00 -34.95 16.50
N LEU B 227 -11.27 -35.08 17.79
CA LEU B 227 -10.74 -36.20 18.57
C LEU B 227 -11.50 -37.50 18.34
N SER B 228 -12.63 -37.45 17.65
CA SER B 228 -13.46 -38.63 17.44
C SER B 228 -13.12 -39.40 16.17
N ASP B 229 -12.10 -38.97 15.42
CA ASP B 229 -11.69 -39.65 14.20
C ASP B 229 -10.33 -40.33 14.33
N TYR B 230 -9.91 -40.65 15.55
CA TYR B 230 -8.63 -41.31 15.76
C TYR B 230 -8.59 -42.71 15.15
N ASP B 231 -9.75 -43.33 14.93
CA ASP B 231 -9.81 -44.66 14.35
C ASP B 231 -10.45 -44.70 12.97
N LEU B 232 -11.31 -43.73 12.65
CA LEU B 232 -11.94 -43.70 11.34
C LEU B 232 -10.92 -43.41 10.25
N VAL B 233 -11.12 -44.03 9.09
CA VAL B 233 -10.22 -43.85 7.96
C VAL B 233 -10.97 -43.12 6.84
N LEU B 234 -10.21 -42.57 5.91
CA LEU B 234 -10.78 -41.85 4.77
C LEU B 234 -11.53 -42.79 3.84
N GLU B 239 -6.71 -47.67 4.44
CA GLU B 239 -5.72 -46.70 3.99
C GLU B 239 -5.05 -46.02 5.17
N MET B 240 -5.38 -44.75 5.41
CA MET B 240 -4.82 -43.97 6.50
C MET B 240 -5.97 -43.44 7.36
N ASN B 241 -5.80 -43.50 8.67
CA ASN B 241 -6.82 -43.00 9.58
C ASN B 241 -6.91 -41.48 9.49
N ARG B 242 -8.09 -40.95 9.84
CA ARG B 242 -8.35 -39.53 9.67
C ARG B 242 -7.52 -38.65 10.61
N MET B 243 -7.00 -39.21 11.70
CA MET B 243 -6.18 -38.40 12.60
C MET B 243 -4.78 -38.18 12.04
N HIS B 244 -4.23 -39.14 11.31
CA HIS B 244 -2.90 -38.96 10.75
C HIS B 244 -2.89 -37.91 9.64
N GLU B 245 -3.95 -37.83 8.85
CA GLU B 245 -4.01 -36.83 7.79
C GLU B 245 -4.09 -35.42 8.37
N SER B 246 -4.61 -35.27 9.60
CA SER B 246 -4.58 -33.98 10.26
C SER B 246 -3.19 -33.63 10.76
N MET B 247 -2.44 -34.64 11.23
CA MET B 247 -1.07 -34.40 11.68
C MET B 247 -0.19 -33.97 10.51
N LYS B 248 -0.36 -34.59 9.34
CA LYS B 248 0.41 -34.20 8.16
C LYS B 248 0.07 -32.77 7.74
N LEU B 249 -1.22 -32.42 7.77
CA LEU B 249 -1.61 -31.04 7.46
C LEU B 249 -1.09 -30.07 8.52
N PHE B 250 -1.14 -30.46 9.79
CA PHE B 250 -0.63 -29.60 10.86
C PHE B 250 0.87 -29.38 10.71
N ASP B 251 1.61 -30.42 10.34
CA ASP B 251 3.06 -30.30 10.22
C ASP B 251 3.45 -29.28 9.17
N SER B 252 2.77 -29.27 8.02
CA SER B 252 3.09 -28.33 6.96
C SER B 252 2.73 -26.90 7.37
N ILE B 253 1.58 -26.72 8.02
CA ILE B 253 1.15 -25.38 8.41
C ILE B 253 2.01 -24.84 9.54
N CYS B 254 2.30 -25.68 10.55
CA CYS B 254 3.09 -25.22 11.68
C CYS B 254 4.50 -24.86 11.28
N ASN B 255 5.11 -25.66 10.39
CA ASN B 255 6.49 -25.46 9.98
C ASN B 255 6.60 -24.82 8.59
N ASN B 256 5.67 -23.94 8.26
CA ASN B 256 5.72 -23.22 6.98
C ASN B 256 6.69 -22.05 7.08
N LYS B 257 7.25 -21.67 5.93
CA LYS B 257 8.22 -20.58 5.91
C LYS B 257 7.56 -19.22 6.06
N TRP B 258 6.25 -19.12 5.84
CA TRP B 258 5.55 -17.84 5.95
C TRP B 258 5.02 -17.59 7.36
N PHE B 259 4.66 -18.63 8.09
CA PHE B 259 4.10 -18.50 9.44
C PHE B 259 5.24 -18.71 10.44
N THR B 260 5.85 -17.61 10.87
CA THR B 260 6.97 -17.64 11.80
C THR B 260 6.57 -17.16 13.19
N ASP B 261 5.99 -15.97 13.30
CA ASP B 261 5.56 -15.43 14.57
C ASP B 261 4.06 -15.58 14.81
N THR B 262 3.36 -16.28 13.93
CA THR B 262 1.91 -16.44 14.06
C THR B 262 1.60 -17.53 15.07
N SER B 263 0.93 -17.15 16.16
CA SER B 263 0.49 -18.12 17.14
C SER B 263 -0.59 -19.02 16.57
N ILE B 264 -0.61 -20.27 17.03
CA ILE B 264 -1.55 -21.27 16.56
C ILE B 264 -2.47 -21.65 17.71
N ILE B 265 -3.77 -21.52 17.50
CA ILE B 265 -4.77 -21.89 18.50
C ILE B 265 -5.35 -23.22 18.04
N LEU B 266 -4.89 -24.30 18.67
CA LEU B 266 -5.30 -25.65 18.29
C LEU B 266 -6.50 -26.07 19.13
N PHE B 267 -7.64 -26.28 18.48
CA PHE B 267 -8.86 -26.72 19.15
C PHE B 267 -9.05 -28.21 18.90
N LEU B 268 -9.44 -28.93 19.95
CA LEU B 268 -9.67 -30.37 19.88
C LEU B 268 -11.15 -30.60 20.15
N ASN B 269 -11.95 -30.62 19.07
CA ASN B 269 -13.39 -30.74 19.19
C ASN B 269 -13.78 -32.20 19.42
N LYS B 270 -15.10 -32.42 19.49
CA LYS B 270 -15.67 -33.77 19.63
C LYS B 270 -15.12 -34.49 20.86
N LYS B 271 -14.98 -33.76 21.96
CA LYS B 271 -14.49 -34.37 23.19
C LYS B 271 -15.53 -35.28 23.83
N ASP B 272 -16.82 -35.03 23.57
CA ASP B 272 -17.87 -35.84 24.18
C ASP B 272 -17.86 -37.26 23.63
N LEU B 273 -17.82 -37.40 22.30
CA LEU B 273 -17.85 -38.73 21.70
C LEU B 273 -16.51 -39.43 21.84
N PHE B 274 -15.42 -38.68 21.94
CA PHE B 274 -14.10 -39.29 22.08
C PHE B 274 -13.98 -40.04 23.40
N GLU B 275 -14.58 -39.52 24.46
CA GLU B 275 -14.54 -40.19 25.75
C GLU B 275 -15.22 -41.55 25.71
N GLU B 276 -16.37 -41.62 25.04
CA GLU B 276 -17.10 -42.89 24.96
C GLU B 276 -16.39 -43.88 24.05
N LYS B 277 -15.75 -43.40 23.00
CA LYS B 277 -15.15 -44.30 22.00
C LYS B 277 -14.00 -45.10 22.58
N ILE B 278 -13.17 -44.47 23.42
CA ILE B 278 -11.99 -45.16 23.95
C ILE B 278 -12.38 -46.27 24.93
N LYS B 279 -13.61 -46.24 25.45
CA LYS B 279 -14.04 -47.33 26.33
C LYS B 279 -14.14 -48.65 25.59
N LYS B 280 -14.65 -48.62 24.37
CA LYS B 280 -14.82 -49.83 23.57
C LYS B 280 -13.78 -49.97 22.46
N SER B 281 -12.89 -49.00 22.29
CA SER B 281 -11.87 -49.05 21.26
C SER B 281 -10.53 -48.63 21.84
N PRO B 282 -9.43 -49.23 21.39
CA PRO B 282 -8.11 -48.86 21.90
C PRO B 282 -7.45 -47.77 21.07
N LEU B 283 -6.75 -46.87 21.78
CA LEU B 283 -6.01 -45.81 21.11
C LEU B 283 -4.79 -46.34 20.35
N THR B 284 -4.39 -47.59 20.61
CA THR B 284 -3.23 -48.15 19.94
C THR B 284 -3.45 -48.28 18.43
N ILE B 285 -4.70 -48.23 17.97
CA ILE B 285 -4.96 -48.29 16.54
C ILE B 285 -4.32 -47.11 15.83
N CYS B 286 -4.45 -45.92 16.38
CA CYS B 286 -3.84 -44.74 15.77
C CYS B 286 -2.35 -44.65 16.06
N TYR B 287 -1.96 -44.85 17.32
CA TYR B 287 -0.57 -44.77 17.74
C TYR B 287 -0.15 -46.13 18.30
N GLN B 288 0.61 -46.89 17.52
CA GLN B 288 1.07 -48.20 17.98
C GLN B 288 2.00 -48.08 19.17
N GLU B 289 2.90 -47.08 19.16
CA GLU B 289 3.87 -46.90 20.23
C GLU B 289 3.24 -46.48 21.55
N TYR B 290 1.96 -46.09 21.54
CA TYR B 290 1.30 -45.70 22.78
C TYR B 290 1.21 -46.88 23.74
N ALA B 291 1.41 -46.59 25.02
CA ALA B 291 1.35 -47.63 26.06
C ALA B 291 0.84 -46.97 27.34
N GLY B 292 -0.45 -47.13 27.60
CA GLY B 292 -1.05 -46.55 28.79
C GLY B 292 -2.49 -46.98 28.93
N SER B 293 -3.07 -46.58 30.06
CA SER B 293 -4.46 -46.93 30.35
C SER B 293 -5.40 -46.21 29.39
N ASN B 294 -6.54 -46.86 29.10
CA ASN B 294 -7.54 -46.30 28.21
C ASN B 294 -8.49 -45.37 28.97
N THR B 295 -7.89 -44.39 29.63
CA THR B 295 -8.63 -43.38 30.37
C THR B 295 -8.67 -42.08 29.58
N TYR B 296 -9.75 -41.31 29.76
CA TYR B 296 -9.91 -40.08 29.01
C TYR B 296 -8.79 -39.08 29.32
N GLU B 297 -8.42 -38.95 30.60
CA GLU B 297 -7.38 -38.00 30.96
C GLU B 297 -6.04 -38.38 30.36
N GLU B 298 -5.71 -39.68 30.36
CA GLU B 298 -4.44 -40.12 29.81
C GLU B 298 -4.44 -40.07 28.29
N ALA B 299 -5.54 -40.49 27.66
CA ALA B 299 -5.59 -40.52 26.20
C ALA B 299 -5.59 -39.11 25.61
N ALA B 300 -6.39 -38.21 26.19
CA ALA B 300 -6.48 -36.85 25.67
C ALA B 300 -5.15 -36.12 25.81
N ALA B 301 -4.49 -36.29 26.96
CA ALA B 301 -3.20 -35.62 27.17
C ALA B 301 -2.14 -36.15 26.20
N TYR B 302 -2.16 -37.46 25.94
CA TYR B 302 -1.18 -38.03 25.02
C TYR B 302 -1.36 -37.48 23.61
N ILE B 303 -2.61 -37.31 23.16
CA ILE B 303 -2.86 -36.77 21.83
C ILE B 303 -2.39 -35.33 21.75
N GLN B 304 -2.67 -34.53 22.79
CA GLN B 304 -2.31 -33.12 22.75
C GLN B 304 -0.80 -32.91 22.67
N CYS B 305 -0.04 -33.66 23.47
CA CYS B 305 1.41 -33.52 23.45
C CYS B 305 2.02 -34.10 22.18
N GLN B 306 1.28 -34.95 21.46
CA GLN B 306 1.76 -35.43 20.18
C GLN B 306 1.75 -34.33 19.13
N PHE B 307 0.76 -33.43 19.19
CA PHE B 307 0.67 -32.35 18.23
C PHE B 307 1.75 -31.30 18.46
N GLU B 308 2.00 -30.94 19.72
CA GLU B 308 3.04 -29.98 20.04
C GLU B 308 4.44 -30.52 19.73
N ASP B 309 4.58 -31.83 19.59
CA ASP B 309 5.86 -32.42 19.21
C ASP B 309 6.24 -31.98 17.80
N LEU B 310 5.26 -31.94 16.89
CA LEU B 310 5.52 -31.61 15.50
C LEU B 310 6.10 -30.20 15.32
N ASN B 311 5.92 -29.33 16.30
CA ASN B 311 6.44 -27.96 16.21
C ASN B 311 7.96 -28.00 16.32
N LYS B 312 8.64 -27.93 15.17
CA LYS B 312 10.10 -28.00 15.17
C LYS B 312 10.72 -26.75 15.78
N ARG B 313 9.98 -25.65 15.82
CA ARG B 313 10.48 -24.36 16.29
C ARG B 313 9.75 -24.01 17.58
N LYS B 314 10.39 -24.34 18.71
CA LYS B 314 9.79 -24.21 20.03
C LYS B 314 10.06 -22.85 20.68
N ASP B 315 10.74 -21.94 20.00
CA ASP B 315 11.09 -20.66 20.57
C ASP B 315 10.53 -19.46 19.79
N THR B 316 10.03 -19.67 18.57
CA THR B 316 9.50 -18.58 17.76
C THR B 316 7.98 -18.52 17.74
N LYS B 317 7.30 -19.52 18.29
CA LYS B 317 5.84 -19.53 18.30
C LYS B 317 5.35 -20.39 19.44
N GLU B 318 4.09 -20.17 19.82
CA GLU B 318 3.47 -20.91 20.90
C GLU B 318 2.14 -21.45 20.41
N ILE B 319 1.80 -22.66 20.87
CA ILE B 319 0.57 -23.34 20.48
C ILE B 319 -0.36 -23.37 21.68
N TYR B 320 -1.51 -22.72 21.54
CA TYR B 320 -2.51 -22.63 22.62
C TYR B 320 -3.56 -23.71 22.38
N THR B 321 -3.27 -24.91 22.88
CA THR B 321 -4.22 -26.01 22.75
C THR B 321 -5.41 -25.81 23.69
N HIS B 322 -6.54 -26.38 23.31
CA HIS B 322 -7.76 -26.26 24.10
C HIS B 322 -8.65 -27.44 23.80
N PHE B 323 -9.59 -27.70 24.71
CA PHE B 323 -10.55 -28.78 24.59
C PHE B 323 -11.95 -28.19 24.49
N THR B 324 -12.69 -28.59 23.45
CA THR B 324 -14.00 -28.03 23.16
C THR B 324 -15.04 -29.15 23.05
N CYS B 325 -16.16 -28.98 23.73
CA CYS B 325 -17.28 -29.91 23.65
C CYS B 325 -18.30 -29.39 22.66
N SER B 326 -19.26 -30.26 22.31
CA SER B 326 -20.30 -29.89 21.35
C SER B 326 -21.16 -28.76 21.89
N THR B 327 -21.54 -28.82 23.16
CA THR B 327 -22.35 -27.79 23.81
C THR B 327 -21.51 -27.15 24.91
N ASP B 328 -20.76 -26.11 24.55
CA ASP B 328 -19.90 -25.43 25.50
C ASP B 328 -19.85 -23.95 25.17
N THR B 329 -19.48 -23.15 26.15
CA THR B 329 -19.34 -21.71 26.01
C THR B 329 -17.88 -21.30 26.30
N LYS B 330 -17.64 -20.00 26.32
CA LYS B 330 -16.34 -19.40 26.61
C LYS B 330 -15.28 -19.75 25.57
N ASN B 331 -15.67 -20.38 24.45
CA ASN B 331 -14.71 -20.68 23.40
C ASN B 331 -14.19 -19.40 22.76
N VAL B 332 -15.07 -18.42 22.54
CA VAL B 332 -14.65 -17.16 21.95
C VAL B 332 -13.69 -16.41 22.88
N GLN B 333 -13.89 -16.51 24.20
CA GLN B 333 -13.02 -15.82 25.13
C GLN B 333 -11.61 -16.41 25.08
N PHE B 334 -11.50 -17.73 24.86
CA PHE B 334 -10.18 -18.35 24.74
C PHE B 334 -9.44 -17.82 23.52
N VAL B 335 -10.16 -17.59 22.42
CA VAL B 335 -9.53 -16.99 21.23
C VAL B 335 -9.12 -15.55 21.53
N PHE B 336 -9.94 -14.83 22.30
CA PHE B 336 -9.60 -13.45 22.65
C PHE B 336 -8.31 -13.36 23.44
N ASP B 337 -8.12 -14.27 24.40
CA ASP B 337 -6.89 -14.27 25.19
C ASP B 337 -5.67 -14.62 24.34
N ALA B 338 -5.81 -15.59 23.43
CA ALA B 338 -4.69 -15.96 22.58
C ALA B 338 -4.35 -14.88 21.56
N VAL B 339 -5.30 -14.01 21.22
CA VAL B 339 -5.01 -12.93 20.30
C VAL B 339 -4.36 -11.75 21.03
N THR B 340 -4.75 -11.52 22.29
CA THR B 340 -4.14 -10.44 23.06
C THR B 340 -2.64 -10.64 23.22
N ASP B 341 -2.21 -11.88 23.46
CA ASP B 341 -0.80 -12.18 23.54
C ASP B 341 -0.06 -11.88 22.24
N VAL B 342 -0.77 -11.90 21.11
CA VAL B 342 -0.14 -11.53 19.84
C VAL B 342 -0.10 -10.02 19.68
N ILE B 343 -1.10 -9.30 20.20
CA ILE B 343 -1.11 -7.86 20.11
C ILE B 343 -0.04 -7.26 21.01
N ILE B 344 0.14 -7.81 22.22
CA ILE B 344 1.17 -7.32 23.11
C ILE B 344 2.55 -7.54 22.51
N LYS B 345 2.79 -8.72 21.94
CA LYS B 345 4.06 -8.99 21.28
C LYS B 345 4.23 -8.12 20.04
N ASN B 346 3.13 -7.73 19.40
CA ASN B 346 3.21 -6.82 18.27
C ASN B 346 3.52 -5.40 18.73
N ASN B 347 2.91 -4.96 19.83
CA ASN B 347 3.15 -3.62 20.34
C ASN B 347 4.59 -3.44 20.79
N LEU B 348 5.14 -4.44 21.48
CA LEU B 348 6.53 -4.37 21.92
C LEU B 348 7.48 -4.35 20.73
N LYS B 349 7.07 -4.92 19.60
CA LYS B 349 7.91 -4.87 18.41
C LYS B 349 7.99 -3.47 17.84
N ASP B 350 6.92 -2.68 17.96
CA ASP B 350 6.95 -1.30 17.47
C ASP B 350 7.88 -0.44 18.30
N CYS B 351 7.80 -0.55 19.63
CA CYS B 351 8.63 0.30 20.49
C CYS B 351 10.10 -0.09 20.41
N GLY B 352 10.39 -1.39 20.49
CA GLY B 352 11.76 -1.84 20.38
C GLY B 352 12.17 -2.88 21.40
N LEU B 353 11.33 -3.10 22.41
CA LEU B 353 11.66 -4.08 23.44
C LEU B 353 11.81 -5.48 22.86
N PHE B 354 10.92 -5.84 21.93
CA PHE B 354 11.01 -7.14 21.26
C PHE B 354 12.25 -7.20 20.38
N VAL C 5 -31.32 13.09 -14.27
CA VAL C 5 -32.09 14.30 -14.55
C VAL C 5 -31.96 15.28 -13.38
N GLU C 6 -32.34 16.53 -13.62
CA GLU C 6 -32.27 17.56 -12.60
C GLU C 6 -33.22 18.68 -12.96
N SER C 7 -33.91 19.24 -11.96
CA SER C 7 -34.86 20.30 -12.17
C SER C 7 -35.13 21.00 -10.85
N GLY C 8 -35.80 22.14 -10.93
CA GLY C 8 -36.17 22.91 -9.75
C GLY C 8 -35.65 24.32 -9.76
N GLY C 9 -36.38 25.25 -9.15
CA GLY C 9 -35.96 26.63 -9.10
C GLY C 9 -37.03 27.51 -8.49
N GLY C 10 -36.80 28.82 -8.60
CA GLY C 10 -37.68 29.82 -8.03
C GLY C 10 -38.56 30.50 -9.06
N LEU C 11 -39.06 31.67 -8.69
CA LEU C 11 -40.00 32.43 -9.51
C LEU C 11 -39.57 33.88 -9.54
N VAL C 12 -40.46 34.75 -10.02
CA VAL C 12 -40.17 36.17 -10.17
C VAL C 12 -40.43 36.90 -8.86
N GLN C 13 -39.80 38.07 -8.72
CA GLN C 13 -39.89 38.89 -7.52
C GLN C 13 -39.37 40.30 -7.79
N PRO C 14 -39.93 41.33 -7.15
CA PRO C 14 -39.44 42.69 -7.38
C PRO C 14 -38.26 43.08 -6.51
N GLY C 15 -37.08 43.25 -7.12
CA GLY C 15 -35.91 43.80 -6.48
C GLY C 15 -35.57 43.30 -5.08
N GLY C 16 -35.82 42.01 -4.81
CA GLY C 16 -35.58 41.48 -3.49
C GLY C 16 -34.47 40.44 -3.43
N SER C 17 -34.79 39.28 -2.86
CA SER C 17 -33.86 38.16 -2.79
C SER C 17 -34.62 36.86 -2.99
N ARG C 18 -33.93 35.84 -3.47
CA ARG C 18 -34.55 34.55 -3.74
C ARG C 18 -33.47 33.48 -3.70
N LYS C 19 -33.91 32.24 -3.57
CA LYS C 19 -33.03 31.08 -3.49
C LYS C 19 -33.32 30.14 -4.66
N LEU C 20 -32.27 29.65 -5.29
CA LEU C 20 -32.37 28.69 -6.38
C LEU C 20 -31.89 27.32 -5.92
N SER C 21 -32.68 26.29 -6.20
CA SER C 21 -32.39 24.94 -5.77
C SER C 21 -32.54 23.97 -6.94
N CYS C 22 -31.57 23.08 -7.09
CA CYS C 22 -31.60 22.04 -8.12
C CYS C 22 -31.47 20.69 -7.44
N SER C 23 -32.27 19.72 -7.89
CA SER C 23 -32.34 18.40 -7.28
C SER C 23 -31.78 17.37 -8.24
N ALA C 24 -30.66 16.76 -7.86
CA ALA C 24 -30.08 15.68 -8.65
C ALA C 24 -30.94 14.42 -8.54
N SER C 25 -30.74 13.51 -9.49
CA SER C 25 -31.53 12.29 -9.52
C SER C 25 -30.67 11.16 -10.10
N GLY C 26 -30.05 10.39 -9.21
CA GLY C 26 -29.42 9.14 -9.59
C GLY C 26 -28.26 9.19 -10.56
N PHE C 27 -27.27 10.04 -10.29
CA PHE C 27 -26.04 9.98 -11.07
C PHE C 27 -24.80 10.18 -10.20
N ALA C 28 -24.87 9.79 -8.92
CA ALA C 28 -23.76 9.92 -7.98
C ALA C 28 -23.33 11.39 -7.85
N PHE C 29 -24.26 12.18 -7.32
CA PHE C 29 -24.06 13.63 -7.22
C PHE C 29 -22.85 14.01 -6.39
N SER C 30 -22.40 13.14 -5.48
CA SER C 30 -21.33 13.49 -4.56
C SER C 30 -19.97 13.64 -5.24
N SER C 31 -19.84 13.24 -6.51
CA SER C 31 -18.55 13.29 -7.20
C SER C 31 -18.57 14.16 -8.44
N PHE C 32 -19.60 15.00 -8.61
CA PHE C 32 -19.72 15.85 -9.79
C PHE C 32 -19.63 17.32 -9.38
N GLY C 33 -18.76 18.06 -10.05
CA GLY C 33 -18.74 19.51 -9.90
C GLY C 33 -19.86 20.14 -10.72
N MET C 34 -20.54 21.11 -10.13
CA MET C 34 -21.75 21.68 -10.71
C MET C 34 -21.56 23.17 -10.97
N HIS C 35 -22.06 23.61 -12.12
CA HIS C 35 -22.04 25.02 -12.52
C HIS C 35 -23.45 25.58 -12.49
N TRP C 36 -23.54 26.89 -12.71
CA TRP C 36 -24.82 27.59 -12.70
C TRP C 36 -24.92 28.53 -13.89
N VAL C 37 -24.61 28.02 -15.08
CA VAL C 37 -24.65 28.83 -16.30
C VAL C 37 -26.05 29.38 -16.50
N ARG C 38 -26.14 30.65 -16.89
CA ARG C 38 -27.40 31.34 -17.10
C ARG C 38 -27.46 31.92 -18.49
N GLN C 39 -28.67 32.09 -19.01
CA GLN C 39 -28.90 32.59 -20.36
C GLN C 39 -29.93 33.71 -20.33
N ALA C 40 -29.60 34.83 -20.97
CA ALA C 40 -30.49 35.96 -21.03
C ALA C 40 -31.73 35.64 -21.87
N PRO C 41 -32.82 36.39 -21.70
CA PRO C 41 -34.04 36.07 -22.46
C PRO C 41 -33.84 36.08 -23.97
N GLU C 42 -32.98 36.94 -24.49
CA GLU C 42 -32.70 36.99 -25.92
C GLU C 42 -31.23 36.85 -26.28
N LYS C 43 -30.31 37.04 -25.34
CA LYS C 43 -28.89 36.95 -25.62
C LYS C 43 -28.42 35.52 -25.41
N GLY C 44 -27.09 35.30 -25.44
CA GLY C 44 -26.52 33.99 -25.30
C GLY C 44 -26.30 33.59 -23.86
N LEU C 45 -25.64 32.46 -23.69
CA LEU C 45 -25.36 31.94 -22.35
C LEU C 45 -24.25 32.73 -21.69
N GLU C 46 -24.16 32.61 -20.37
CA GLU C 46 -23.15 33.31 -19.60
C GLU C 46 -22.90 32.58 -18.29
N TRP C 47 -21.64 32.35 -17.97
CA TRP C 47 -21.27 31.64 -16.75
C TRP C 47 -21.55 32.50 -15.52
N VAL C 48 -21.89 31.84 -14.41
CA VAL C 48 -22.26 32.54 -13.18
C VAL C 48 -21.40 32.08 -12.01
N ALA C 49 -21.42 30.78 -11.72
CA ALA C 49 -20.75 30.28 -10.53
C ALA C 49 -20.42 28.80 -10.72
N TYR C 50 -19.56 28.29 -9.83
CA TYR C 50 -19.12 26.90 -9.90
C TYR C 50 -18.70 26.45 -8.51
N ILE C 51 -19.07 25.22 -8.16
CA ILE C 51 -18.66 24.60 -6.91
C ILE C 51 -18.15 23.19 -7.22
N SER C 52 -16.97 22.86 -6.70
CA SER C 52 -16.31 21.62 -7.05
C SER C 52 -16.89 20.46 -6.24
N SER C 53 -16.27 19.29 -6.35
CA SER C 53 -16.72 18.12 -5.62
C SER C 53 -16.17 18.17 -4.20
N GLY C 54 -17.04 17.93 -3.23
CA GLY C 54 -16.65 18.05 -1.84
C GLY C 54 -16.60 19.47 -1.32
N SER C 55 -17.13 20.43 -2.07
CA SER C 55 -17.13 21.84 -1.70
C SER C 55 -15.71 22.35 -1.45
N GLY C 56 -14.89 22.24 -2.48
CA GLY C 56 -13.52 22.71 -2.41
C GLY C 56 -13.37 24.10 -3.02
N THR C 57 -12.79 24.16 -4.22
CA THR C 57 -12.65 25.44 -4.90
C THR C 57 -14.02 25.96 -5.32
N ILE C 58 -14.23 27.26 -5.11
CA ILE C 58 -15.47 27.93 -5.49
C ILE C 58 -15.12 29.18 -6.27
N TYR C 59 -15.75 29.36 -7.43
CA TYR C 59 -15.47 30.49 -8.30
C TYR C 59 -16.76 31.23 -8.62
N TYR C 60 -16.65 32.52 -8.91
CA TYR C 60 -17.79 33.35 -9.22
C TYR C 60 -17.47 34.22 -10.43
N ALA C 61 -18.52 34.67 -11.10
CA ALA C 61 -18.37 35.58 -12.22
C ALA C 61 -17.99 36.97 -11.72
N ASP C 62 -17.57 37.82 -12.65
CA ASP C 62 -17.14 39.17 -12.28
C ASP C 62 -18.31 40.03 -11.82
N THR C 63 -19.48 39.85 -12.44
CA THR C 63 -20.64 40.67 -12.14
C THR C 63 -21.49 40.11 -11.00
N VAL C 64 -21.19 38.90 -10.52
CA VAL C 64 -21.96 38.29 -9.44
C VAL C 64 -21.01 37.86 -8.33
N LYS C 65 -19.90 38.57 -8.18
CA LYS C 65 -18.86 38.17 -7.23
C LYS C 65 -19.36 38.26 -5.79
N GLY C 66 -20.06 39.34 -5.44
CA GLY C 66 -20.47 39.54 -4.07
C GLY C 66 -21.94 39.32 -3.80
N ARG C 67 -22.78 39.55 -4.82
CA ARG C 67 -24.22 39.44 -4.63
C ARG C 67 -24.69 38.01 -4.53
N PHE C 68 -23.98 37.07 -5.14
CA PHE C 68 -24.40 35.68 -5.20
C PHE C 68 -23.58 34.82 -4.25
N THR C 69 -24.18 33.69 -3.86
CA THR C 69 -23.53 32.73 -2.98
C THR C 69 -23.99 31.33 -3.36
N ILE C 70 -23.03 30.43 -3.56
CA ILE C 70 -23.32 29.07 -3.98
C ILE C 70 -23.02 28.12 -2.84
N SER C 71 -23.74 26.99 -2.81
CA SER C 71 -23.55 25.96 -1.81
C SER C 71 -24.13 24.67 -2.34
N ARG C 72 -23.66 23.55 -1.79
CA ARG C 72 -24.13 22.23 -2.18
C ARG C 72 -24.35 21.38 -0.94
N ASP C 73 -25.16 20.33 -1.10
CA ASP C 73 -25.46 19.41 -0.01
C ASP C 73 -25.53 18.01 -0.62
N ASP C 74 -24.48 17.22 -0.45
CA ASP C 74 -24.46 15.87 -1.01
C ASP C 74 -25.57 15.00 -0.43
N PRO C 75 -25.84 15.01 0.88
CA PRO C 75 -27.11 14.46 1.36
C PRO C 75 -28.29 15.07 0.62
N LYS C 76 -29.25 14.21 0.26
CA LYS C 76 -30.49 14.59 -0.42
C LYS C 76 -30.25 15.11 -1.84
N ASN C 77 -28.99 15.16 -2.28
CA ASN C 77 -28.62 15.52 -3.64
C ASN C 77 -29.26 16.83 -4.10
N THR C 78 -28.90 17.94 -3.46
CA THR C 78 -29.46 19.25 -3.79
C THR C 78 -28.33 20.26 -3.94
N LEU C 79 -28.45 21.14 -4.93
CA LEU C 79 -27.51 22.22 -5.16
C LEU C 79 -28.22 23.55 -4.95
N PHE C 80 -27.60 24.43 -4.17
CA PHE C 80 -28.22 25.68 -3.74
C PHE C 80 -27.48 26.88 -4.33
N LEU C 81 -28.26 27.90 -4.72
CA LEU C 81 -27.71 29.18 -5.14
C LEU C 81 -28.45 30.28 -4.39
N GLN C 82 -27.72 31.07 -3.62
CA GLN C 82 -28.27 32.16 -2.84
C GLN C 82 -27.95 33.49 -3.50
N MET C 83 -29.00 34.26 -3.81
CA MET C 83 -28.86 35.58 -4.41
C MET C 83 -29.45 36.61 -3.46
N THR C 84 -28.64 37.63 -3.13
CA THR C 84 -29.03 38.62 -2.12
C THR C 84 -29.55 39.91 -2.74
N SER C 85 -28.73 40.56 -3.57
CA SER C 85 -29.09 41.83 -4.19
C SER C 85 -29.21 41.63 -5.69
N LEU C 86 -30.38 41.92 -6.23
CA LEU C 86 -30.67 41.72 -7.65
C LEU C 86 -31.02 43.04 -8.31
N ARG C 87 -30.36 43.31 -9.43
CA ARG C 87 -30.63 44.49 -10.24
C ARG C 87 -31.44 44.08 -11.47
N SER C 88 -31.67 45.05 -12.37
CA SER C 88 -32.41 44.77 -13.60
C SER C 88 -31.62 43.94 -14.60
N GLU C 89 -30.33 43.73 -14.36
CA GLU C 89 -29.51 42.96 -15.29
C GLU C 89 -29.60 41.46 -15.03
N ASP C 90 -29.88 41.05 -13.79
CA ASP C 90 -29.84 39.66 -13.39
C ASP C 90 -31.13 38.90 -13.69
N THR C 91 -31.96 39.41 -14.59
CA THR C 91 -33.16 38.71 -15.02
C THR C 91 -32.82 37.87 -16.25
N ALA C 92 -32.91 36.55 -16.11
CA ALA C 92 -32.52 35.62 -17.16
C ALA C 92 -33.08 34.24 -16.81
N MET C 93 -32.67 33.24 -17.57
CA MET C 93 -33.04 31.85 -17.33
C MET C 93 -31.80 31.10 -16.86
N TYR C 94 -31.93 30.41 -15.73
CA TYR C 94 -30.78 29.82 -15.04
C TYR C 94 -30.75 28.32 -15.27
N TYR C 95 -29.62 27.83 -15.77
CA TYR C 95 -29.41 26.41 -16.03
C TYR C 95 -28.45 25.83 -15.00
N CYS C 96 -28.60 24.53 -14.75
CA CYS C 96 -27.70 23.78 -13.88
C CYS C 96 -26.94 22.77 -14.73
N VAL C 97 -25.62 22.79 -14.63
CA VAL C 97 -24.75 21.96 -15.47
C VAL C 97 -23.83 21.15 -14.56
N ARG C 98 -23.72 19.86 -14.83
CA ARG C 98 -22.79 18.99 -14.13
C ARG C 98 -21.50 18.87 -14.92
N SER C 99 -20.43 18.49 -14.22
CA SER C 99 -19.12 18.36 -14.85
C SER C 99 -18.21 17.55 -13.94
N ILE C 100 -17.60 16.51 -14.48
CA ILE C 100 -16.65 15.67 -13.77
C ILE C 100 -15.29 15.80 -14.46
N TYR C 101 -14.22 15.86 -13.67
CA TYR C 101 -12.89 16.16 -14.18
C TYR C 101 -11.93 15.03 -13.82
N TYR C 102 -11.56 14.24 -14.81
CA TYR C 102 -10.38 13.37 -14.73
C TYR C 102 -9.74 13.34 -16.12
N TYR C 103 -8.84 12.38 -16.33
CA TYR C 103 -8.00 12.40 -17.53
C TYR C 103 -8.83 12.33 -18.80
N GLY C 104 -9.80 11.41 -18.86
CA GLY C 104 -10.59 11.22 -20.06
C GLY C 104 -12.03 11.66 -19.92
N SER C 105 -12.31 12.52 -18.95
CA SER C 105 -13.68 12.93 -18.68
C SER C 105 -14.21 13.85 -19.76
N SER C 106 -15.52 14.05 -19.75
CA SER C 106 -16.22 14.93 -20.70
C SER C 106 -17.09 15.89 -19.91
N PRO C 107 -16.55 17.04 -19.52
CA PRO C 107 -17.32 17.98 -18.69
C PRO C 107 -18.48 18.59 -19.46
N PHE C 108 -19.42 19.16 -18.70
CA PHE C 108 -20.59 19.85 -19.23
C PHE C 108 -21.46 18.93 -20.07
N ASP C 109 -21.52 17.65 -19.69
CA ASP C 109 -22.23 16.66 -20.50
C ASP C 109 -23.74 16.83 -20.39
N PHE C 110 -24.25 17.05 -19.19
CA PHE C 110 -25.68 17.13 -18.94
C PHE C 110 -26.07 18.51 -18.44
N TRP C 111 -27.15 19.05 -18.97
CA TRP C 111 -27.66 20.36 -18.60
C TRP C 111 -29.07 20.22 -18.04
N GLY C 112 -29.35 20.98 -16.99
CA GLY C 112 -30.67 20.94 -16.39
C GLY C 112 -31.72 21.60 -17.28
N GLN C 113 -32.98 21.38 -16.90
CA GLN C 113 -34.08 21.95 -17.67
C GLN C 113 -34.06 23.48 -17.62
N GLY C 114 -33.78 24.05 -16.47
CA GLY C 114 -33.65 25.49 -16.35
C GLY C 114 -34.89 26.20 -15.86
N THR C 115 -34.70 27.25 -15.06
CA THR C 115 -35.79 28.06 -14.53
C THR C 115 -35.52 29.52 -14.80
N THR C 116 -36.59 30.31 -14.85
CA THR C 116 -36.52 31.73 -15.17
C THR C 116 -37.05 32.56 -14.02
N LEU C 117 -36.45 33.73 -13.83
CA LEU C 117 -36.91 34.68 -12.83
C LEU C 117 -36.71 36.10 -13.37
N THR C 118 -37.72 36.94 -13.17
CA THR C 118 -37.68 38.32 -13.63
C THR C 118 -37.77 39.27 -12.44
N VAL C 119 -37.16 40.44 -12.59
CA VAL C 119 -37.11 41.43 -11.52
C VAL C 119 -37.89 42.69 -11.86
N SER C 120 -38.31 42.87 -13.11
CA SER C 120 -39.05 44.06 -13.54
C SER C 120 -38.29 45.35 -13.25
N SER C 136 -6.96 40.15 -18.35
CA SER C 136 -8.41 40.18 -18.43
C SER C 136 -8.97 38.81 -18.79
N ASP C 137 -10.20 38.78 -19.30
CA ASP C 137 -10.84 37.54 -19.67
C ASP C 137 -10.60 37.24 -21.16
N ILE C 138 -10.91 36.00 -21.54
CA ILE C 138 -10.79 35.56 -22.92
C ILE C 138 -12.13 35.76 -23.61
N VAL C 139 -12.12 36.44 -24.75
CA VAL C 139 -13.32 36.72 -25.52
C VAL C 139 -13.31 35.85 -26.77
N MET C 140 -14.47 35.27 -27.09
CA MET C 140 -14.64 34.44 -28.28
C MET C 140 -15.45 35.22 -29.31
N THR C 141 -14.93 35.29 -30.53
CA THR C 141 -15.54 36.14 -31.54
C THR C 141 -16.81 35.52 -32.12
N GLN C 142 -16.66 34.37 -32.78
CA GLN C 142 -17.78 33.70 -33.45
C GLN C 142 -18.55 34.69 -34.33
N ALA C 143 -17.84 35.19 -35.35
CA ALA C 143 -18.38 36.28 -36.16
C ALA C 143 -19.66 35.89 -36.87
N THR C 144 -19.73 34.68 -37.41
CA THR C 144 -20.92 34.24 -38.14
C THR C 144 -22.12 34.22 -37.20
N SER C 145 -23.24 34.78 -37.66
CA SER C 145 -24.45 34.87 -36.86
C SER C 145 -25.70 34.33 -37.53
N SER C 146 -25.70 34.14 -38.85
CA SER C 146 -26.87 33.61 -39.54
C SER C 146 -26.42 32.78 -40.74
N VAL C 147 -27.03 31.61 -40.89
CA VAL C 147 -26.72 30.69 -41.99
C VAL C 147 -28.05 30.26 -42.62
N PRO C 148 -28.10 30.07 -43.94
CA PRO C 148 -29.33 29.56 -44.56
C PRO C 148 -29.73 28.20 -43.98
N VAL C 149 -31.04 27.99 -43.90
CA VAL C 149 -31.61 26.84 -43.21
C VAL C 149 -31.77 25.66 -44.18
N THR C 150 -31.19 25.79 -45.37
CA THR C 150 -31.32 24.76 -46.38
C THR C 150 -30.66 23.46 -45.90
N PRO C 151 -31.39 22.35 -45.83
CA PRO C 151 -30.80 21.10 -45.34
C PRO C 151 -30.20 20.25 -46.45
N GLY C 152 -29.62 19.11 -46.07
CA GLY C 152 -29.08 18.18 -47.03
C GLY C 152 -27.66 18.46 -47.51
N GLU C 153 -27.06 19.55 -47.07
CA GLU C 153 -25.71 19.93 -47.47
C GLU C 153 -24.80 19.98 -46.24
N SER C 154 -23.57 20.45 -46.47
CA SER C 154 -22.58 20.58 -45.42
C SER C 154 -22.42 22.05 -45.05
N VAL C 155 -22.52 22.36 -43.76
CA VAL C 155 -22.41 23.72 -43.26
C VAL C 155 -21.30 23.74 -42.21
N SER C 156 -20.41 24.73 -42.32
CA SER C 156 -19.28 24.87 -41.43
C SER C 156 -19.46 26.13 -40.57
N ILE C 157 -19.21 25.99 -39.27
CA ILE C 157 -19.31 27.09 -38.32
C ILE C 157 -17.93 27.37 -37.77
N SER C 158 -17.50 28.63 -37.84
CA SER C 158 -16.17 29.03 -37.42
C SER C 158 -16.23 29.86 -36.15
N CYS C 159 -15.10 29.91 -35.44
CA CYS C 159 -14.99 30.68 -34.22
C CYS C 159 -13.54 31.11 -34.04
N ARG C 160 -13.36 32.15 -33.22
CA ARG C 160 -12.03 32.69 -32.94
C ARG C 160 -11.93 33.03 -31.47
N SER C 161 -10.70 33.04 -30.95
CA SER C 161 -10.43 33.35 -29.56
C SER C 161 -9.45 34.51 -29.46
N SER C 162 -9.51 35.21 -28.33
CA SER C 162 -8.61 36.34 -28.10
C SER C 162 -7.17 35.86 -27.96
N LYS C 163 -6.95 34.85 -27.13
CA LYS C 163 -5.63 34.28 -26.92
C LYS C 163 -5.67 32.78 -27.20
N SER C 164 -4.49 32.20 -27.42
CA SER C 164 -4.39 30.79 -27.78
C SER C 164 -4.95 29.91 -26.66
N LEU C 165 -5.79 28.96 -27.05
CA LEU C 165 -6.38 28.00 -26.13
C LEU C 165 -5.57 26.72 -25.99
N LEU C 166 -4.46 26.61 -26.71
CA LEU C 166 -3.62 25.42 -26.64
C LEU C 166 -2.69 25.53 -25.43
N HIS C 167 -2.68 24.49 -24.60
CA HIS C 167 -1.92 24.49 -23.37
C HIS C 167 -0.65 23.64 -23.53
N SER C 168 0.20 23.69 -22.49
CA SER C 168 1.48 22.99 -22.55
C SER C 168 1.27 21.47 -22.66
N ASN C 169 0.27 20.94 -21.95
CA ASN C 169 0.02 19.50 -21.99
C ASN C 169 -0.35 19.01 -23.38
N GLY C 170 -0.92 19.85 -24.23
CA GLY C 170 -1.13 19.52 -25.63
C GLY C 170 -2.57 19.47 -26.10
N ASN C 171 -3.56 19.72 -25.26
CA ASN C 171 -4.96 19.71 -25.69
C ASN C 171 -5.55 21.11 -25.60
N THR C 172 -6.28 21.51 -26.63
CA THR C 172 -6.92 22.82 -26.68
C THR C 172 -8.31 22.73 -26.09
N TYR C 173 -8.59 23.58 -25.10
CA TYR C 173 -9.87 23.55 -24.38
C TYR C 173 -10.87 24.42 -25.14
N LEU C 174 -11.78 23.78 -25.87
CA LEU C 174 -12.84 24.48 -26.57
C LEU C 174 -14.01 23.53 -26.73
N TYR C 175 -15.18 23.94 -26.25
CA TYR C 175 -16.36 23.09 -26.23
C TYR C 175 -17.42 23.64 -27.16
N TRP C 176 -18.10 22.76 -27.87
CA TRP C 176 -19.16 23.13 -28.81
C TRP C 176 -20.51 22.65 -28.27
N PHE C 177 -21.46 23.58 -28.15
CA PHE C 177 -22.77 23.28 -27.64
C PHE C 177 -23.83 23.57 -28.70
N LEU C 178 -24.91 22.80 -28.67
CA LEU C 178 -26.05 23.00 -29.55
C LEU C 178 -27.30 23.18 -28.70
N GLN C 179 -28.05 24.25 -28.98
CA GLN C 179 -29.27 24.57 -28.23
C GLN C 179 -30.44 24.53 -29.20
N ARG C 180 -31.17 23.41 -29.20
CA ARG C 180 -32.38 23.32 -29.98
C ARG C 180 -33.43 24.28 -29.42
N PRO C 181 -34.32 24.81 -30.28
CA PRO C 181 -35.27 25.83 -29.80
C PRO C 181 -36.33 25.23 -28.88
N GLY C 182 -36.21 25.53 -27.58
CA GLY C 182 -37.16 25.08 -26.58
C GLY C 182 -36.53 24.23 -25.49
N GLN C 183 -35.46 23.52 -25.80
CA GLN C 183 -34.82 22.61 -24.86
C GLN C 183 -33.50 23.20 -24.36
N SER C 184 -32.91 22.51 -23.39
CA SER C 184 -31.65 22.94 -22.81
C SER C 184 -30.50 22.70 -23.78
N PRO C 185 -29.39 23.43 -23.62
CA PRO C 185 -28.23 23.20 -24.48
C PRO C 185 -27.68 21.79 -24.31
N GLN C 186 -27.12 21.26 -25.41
CA GLN C 186 -26.54 19.94 -25.44
C GLN C 186 -25.09 20.03 -25.91
N LEU C 187 -24.24 19.18 -25.36
CA LEU C 187 -22.83 19.17 -25.69
C LEU C 187 -22.58 18.25 -26.88
N LEU C 188 -21.94 18.79 -27.92
CA LEU C 188 -21.60 18.01 -29.11
C LEU C 188 -20.15 17.56 -29.11
N ILE C 189 -19.22 18.51 -29.00
CA ILE C 189 -17.79 18.23 -29.04
C ILE C 189 -17.14 18.86 -27.84
N TYR C 190 -16.54 18.03 -26.98
CA TYR C 190 -15.74 18.51 -25.86
C TYR C 190 -14.28 18.49 -26.26
N ARG C 191 -13.55 19.54 -25.90
CA ARG C 191 -12.19 19.79 -26.38
C ARG C 191 -12.17 19.91 -27.90
N MET C 192 -10.97 19.84 -28.49
CA MET C 192 -10.81 20.23 -29.89
C MET C 192 -11.65 19.36 -30.82
N SER C 193 -11.52 18.04 -30.70
CA SER C 193 -12.13 17.13 -31.67
C SER C 193 -12.91 15.97 -31.06
N ASN C 194 -12.76 15.69 -29.77
CA ASN C 194 -13.42 14.52 -29.18
C ASN C 194 -14.94 14.70 -29.22
N LEU C 195 -15.62 13.68 -29.73
CA LEU C 195 -17.07 13.74 -29.90
C LEU C 195 -17.76 13.17 -28.66
N ALA C 196 -18.75 13.90 -28.15
CA ALA C 196 -19.46 13.48 -26.96
C ALA C 196 -20.31 12.24 -27.24
N SER C 197 -20.54 11.45 -26.19
CA SER C 197 -21.35 10.25 -26.32
C SER C 197 -22.79 10.61 -26.66
N GLY C 198 -23.43 9.75 -27.45
CA GLY C 198 -24.79 9.99 -27.88
C GLY C 198 -24.95 11.03 -28.97
N VAL C 199 -23.88 11.38 -29.66
CA VAL C 199 -23.90 12.38 -30.73
C VAL C 199 -23.55 11.69 -32.03
N PRO C 200 -24.34 11.87 -33.09
CA PRO C 200 -24.04 11.20 -34.36
C PRO C 200 -22.73 11.67 -34.96
N ASP C 201 -22.11 10.81 -35.77
CA ASP C 201 -20.78 11.00 -36.32
C ASP C 201 -20.70 12.08 -37.40
N ARG C 202 -21.75 12.81 -37.75
CA ARG C 202 -21.60 13.86 -38.76
C ARG C 202 -20.88 15.08 -38.23
N PHE C 203 -20.85 15.28 -36.92
CA PHE C 203 -20.19 16.43 -36.32
C PHE C 203 -18.70 16.15 -36.17
N SER C 204 -17.88 17.15 -36.51
CA SER C 204 -16.44 17.05 -36.40
C SER C 204 -15.87 18.42 -36.04
N GLY C 205 -14.68 18.42 -35.47
CA GLY C 205 -14.06 19.66 -35.05
C GLY C 205 -12.56 19.72 -35.31
N SER C 206 -12.12 20.76 -36.02
CA SER C 206 -10.72 20.98 -36.29
C SER C 206 -10.36 22.40 -35.89
N GLY C 207 -9.16 22.58 -35.33
CA GLY C 207 -8.71 23.88 -34.89
C GLY C 207 -7.20 23.99 -34.94
N SER C 208 -6.71 25.17 -34.56
CA SER C 208 -5.28 25.43 -34.57
C SER C 208 -4.77 26.14 -33.32
N GLY C 209 -5.65 26.44 -32.34
CA GLY C 209 -5.27 27.12 -31.13
C GLY C 209 -5.94 28.47 -30.96
N THR C 210 -6.21 29.16 -32.06
CA THR C 210 -6.89 30.46 -32.01
C THR C 210 -8.11 30.46 -32.92
N ALA C 211 -8.04 29.69 -34.01
CA ALA C 211 -9.14 29.56 -34.95
C ALA C 211 -9.66 28.13 -34.90
N PHE C 212 -10.98 28.00 -34.71
CA PHE C 212 -11.62 26.71 -34.58
C PHE C 212 -12.83 26.64 -35.50
N THR C 213 -13.11 25.45 -36.02
CA THR C 213 -14.21 25.25 -36.94
C THR C 213 -15.01 24.02 -36.53
N LEU C 214 -16.31 24.06 -36.82
CA LEU C 214 -17.21 22.94 -36.61
C LEU C 214 -17.83 22.56 -37.94
N THR C 215 -17.77 21.27 -38.29
CA THR C 215 -18.22 20.79 -39.59
C THR C 215 -19.36 19.79 -39.40
N ILE C 216 -20.40 19.94 -40.21
CA ILE C 216 -21.52 19.01 -40.24
C ILE C 216 -21.59 18.42 -41.65
N SER C 217 -21.61 17.09 -41.74
CA SER C 217 -21.57 16.43 -43.03
C SER C 217 -22.91 16.53 -43.75
N ARG C 218 -23.96 15.97 -43.16
CA ARG C 218 -25.29 15.94 -43.76
C ARG C 218 -26.28 16.59 -42.79
N LEU C 219 -26.68 17.81 -43.08
CA LEU C 219 -27.62 18.51 -42.23
C LEU C 219 -28.98 17.82 -42.22
N GLU C 220 -29.57 17.70 -41.03
CA GLU C 220 -30.87 17.08 -40.85
C GLU C 220 -31.82 18.07 -40.18
N ALA C 221 -33.09 17.66 -40.06
CA ALA C 221 -34.09 18.51 -39.44
C ALA C 221 -33.84 18.68 -37.94
N GLU C 222 -33.06 17.81 -37.33
CA GLU C 222 -32.77 17.88 -35.90
C GLU C 222 -31.54 18.74 -35.60
N ASP C 223 -30.88 19.28 -36.62
CA ASP C 223 -29.69 20.10 -36.42
C ASP C 223 -29.99 21.59 -36.40
N VAL C 224 -31.26 21.98 -36.50
CA VAL C 224 -31.62 23.39 -36.49
C VAL C 224 -31.52 23.92 -35.07
N GLY C 225 -30.82 25.04 -34.91
CA GLY C 225 -30.66 25.63 -33.59
C GLY C 225 -29.55 26.66 -33.60
N VAL C 226 -29.08 26.99 -32.39
CA VAL C 226 -28.00 27.96 -32.20
C VAL C 226 -26.82 27.23 -31.59
N TYR C 227 -25.66 27.35 -32.23
CA TYR C 227 -24.46 26.65 -31.82
C TYR C 227 -23.55 27.60 -31.06
N TYR C 228 -23.20 27.23 -29.83
CA TYR C 228 -22.35 28.05 -28.97
C TYR C 228 -20.96 27.43 -28.85
N CYS C 229 -20.00 28.28 -28.51
CA CYS C 229 -18.65 27.86 -28.21
C CYS C 229 -18.33 28.24 -26.76
N MET C 230 -17.24 27.68 -26.24
CA MET C 230 -16.89 27.89 -24.85
C MET C 230 -15.42 27.57 -24.65
N GLN C 231 -14.77 28.29 -23.74
CA GLN C 231 -13.38 28.07 -23.40
C GLN C 231 -13.28 27.51 -21.97
N HIS C 232 -12.21 26.75 -21.74
CA HIS C 232 -11.97 26.17 -20.42
C HIS C 232 -10.50 26.26 -20.02
N LEU C 233 -9.79 27.28 -20.50
CA LEU C 233 -8.39 27.47 -20.16
C LEU C 233 -8.22 28.26 -18.86
N GLU C 234 -8.87 29.41 -18.77
CA GLU C 234 -8.93 30.19 -17.53
C GLU C 234 -10.36 30.20 -17.03
N TYR C 235 -10.51 30.10 -15.71
CA TYR C 235 -11.82 29.76 -15.16
C TYR C 235 -12.87 30.86 -15.29
N PRO C 236 -12.50 32.15 -15.29
CA PRO C 236 -13.49 33.16 -15.69
C PRO C 236 -13.86 33.02 -17.15
N LEU C 237 -14.55 31.92 -17.47
CA LEU C 237 -14.80 31.48 -18.83
C LEU C 237 -15.99 32.23 -19.43
N THR C 238 -15.98 32.32 -20.76
CA THR C 238 -16.98 33.07 -21.51
C THR C 238 -17.43 32.26 -22.71
N PHE C 239 -18.67 32.49 -23.13
CA PHE C 239 -19.24 31.82 -24.28
C PHE C 239 -19.00 32.67 -25.53
N GLY C 240 -19.64 32.34 -26.64
CA GLY C 240 -19.36 33.02 -27.89
C GLY C 240 -20.55 33.54 -28.65
N ALA C 241 -21.62 33.90 -27.95
CA ALA C 241 -22.80 34.60 -28.46
C ALA C 241 -23.64 33.77 -29.43
N GLY C 242 -23.21 32.56 -29.78
CA GLY C 242 -24.03 31.67 -30.58
C GLY C 242 -23.99 31.98 -32.07
N THR C 243 -24.59 31.08 -32.85
CA THR C 243 -24.68 31.23 -34.30
C THR C 243 -25.95 30.51 -34.75
N LYS C 244 -27.00 31.28 -35.04
CA LYS C 244 -28.27 30.71 -35.44
C LYS C 244 -28.17 30.10 -36.84
N LEU C 245 -28.79 28.94 -37.01
CA LEU C 245 -28.82 28.29 -38.31
C LEU C 245 -30.15 28.56 -39.02
N SER D 18 -5.40 -56.18 -19.66
CA SER D 18 -4.55 -55.07 -19.24
C SER D 18 -4.41 -54.05 -20.36
N GLU D 19 -5.50 -53.36 -20.68
CA GLU D 19 -5.46 -52.34 -21.72
C GLU D 19 -4.67 -51.12 -21.27
N LEU D 20 -4.68 -50.81 -19.98
CA LEU D 20 -3.92 -49.67 -19.48
C LEU D 20 -2.43 -49.85 -19.70
N ASP D 21 -1.93 -51.07 -19.47
CA ASP D 21 -0.50 -51.33 -19.68
C ASP D 21 -0.12 -51.14 -21.15
N GLN D 22 -0.97 -51.62 -22.06
CA GLN D 22 -0.72 -51.40 -23.48
C GLN D 22 -0.80 -49.92 -23.84
N LEU D 23 -1.77 -49.20 -23.27
CA LEU D 23 -1.90 -47.78 -23.55
C LEU D 23 -0.74 -46.99 -22.95
N ARG D 24 -0.32 -47.35 -21.74
CA ARG D 24 0.79 -46.63 -21.10
C ARG D 24 2.09 -46.84 -21.88
N GLN D 25 2.34 -48.06 -22.36
CA GLN D 25 3.54 -48.31 -23.14
C GLN D 25 3.50 -47.58 -24.48
N GLU D 26 2.31 -47.49 -25.09
CA GLU D 26 2.19 -46.80 -26.37
C GLU D 26 2.53 -45.32 -26.24
N ALA D 27 2.09 -44.68 -25.14
CA ALA D 27 2.40 -43.27 -24.94
C ALA D 27 3.89 -43.04 -24.81
N GLU D 28 4.59 -43.92 -24.08
CA GLU D 28 6.03 -43.78 -23.92
C GLU D 28 6.74 -43.94 -25.27
N GLN D 29 6.30 -44.91 -26.08
CA GLN D 29 6.89 -45.08 -27.40
C GLN D 29 6.60 -43.87 -28.28
N LEU D 30 5.38 -43.34 -28.22
CA LEU D 30 5.04 -42.16 -29.01
C LEU D 30 5.83 -40.94 -28.54
N LYS D 31 6.03 -40.80 -27.23
CA LYS D 31 6.79 -39.67 -26.71
C LYS D 31 8.25 -39.69 -27.18
N ASN D 32 8.83 -40.89 -27.33
CA ASN D 32 10.19 -40.98 -27.82
C ASN D 32 10.32 -40.46 -29.24
N GLN D 33 9.31 -40.71 -30.08
CA GLN D 33 9.33 -40.18 -31.44
C GLN D 33 9.29 -38.66 -31.45
N ILE D 34 8.49 -38.07 -30.55
CA ILE D 34 8.40 -36.61 -30.48
C ILE D 34 9.75 -36.03 -30.06
N ARG D 35 10.39 -36.62 -29.05
CA ARG D 35 11.68 -36.12 -28.61
C ARG D 35 12.74 -36.26 -29.70
N ASP D 36 12.71 -37.38 -30.43
CA ASP D 36 13.67 -37.58 -31.51
C ASP D 36 13.46 -36.56 -32.63
N ALA D 37 12.20 -36.28 -32.96
CA ALA D 37 11.91 -35.30 -34.01
C ALA D 37 12.38 -33.90 -33.62
N ARG D 38 12.16 -33.52 -32.35
CA ARG D 38 12.60 -32.21 -31.89
C ARG D 38 14.12 -32.09 -31.93
N LYS D 39 14.82 -33.15 -31.50
CA LYS D 39 16.28 -33.12 -31.51
C LYS D 39 16.87 -33.21 -32.91
N ALA D 40 16.14 -33.79 -33.86
CA ALA D 40 16.64 -33.93 -35.22
C ALA D 40 16.81 -32.56 -35.89
N CYS D 41 15.99 -31.58 -35.52
CA CYS D 41 16.04 -30.26 -36.11
C CYS D 41 16.97 -29.30 -35.38
N ALA D 42 17.67 -29.77 -34.34
CA ALA D 42 18.59 -28.93 -33.57
C ALA D 42 19.92 -28.85 -34.31
N ASP D 43 19.89 -28.16 -35.46
CA ASP D 43 21.10 -27.97 -36.24
C ASP D 43 22.12 -27.12 -35.50
N ALA D 44 21.67 -26.05 -34.86
CA ALA D 44 22.56 -25.15 -34.12
C ALA D 44 21.79 -24.57 -32.95
N THR D 45 22.38 -23.56 -32.30
CA THR D 45 21.78 -22.91 -31.15
C THR D 45 21.74 -21.40 -31.38
N LEU D 46 20.87 -20.73 -30.63
CA LEU D 46 20.79 -19.28 -30.70
C LEU D 46 22.10 -18.65 -30.25
N SER D 47 22.72 -19.19 -29.19
CA SER D 47 23.98 -18.65 -28.71
C SER D 47 25.07 -18.76 -29.77
N GLN D 48 25.12 -19.89 -30.47
CA GLN D 48 26.12 -20.06 -31.53
C GLN D 48 25.79 -19.17 -32.73
N ILE D 49 24.52 -19.05 -33.08
CA ILE D 49 24.13 -18.28 -34.25
C ILE D 49 24.36 -16.78 -34.00
N THR D 50 24.01 -16.32 -32.80
CA THR D 50 24.09 -14.90 -32.46
C THR D 50 25.40 -14.55 -31.74
N ASN D 51 26.48 -15.26 -32.06
CA ASN D 51 27.78 -14.88 -31.52
C ASN D 51 28.27 -13.57 -32.12
N ASN D 52 28.02 -13.36 -33.42
CA ASN D 52 28.58 -12.21 -34.12
C ASN D 52 28.04 -10.89 -33.59
N ILE D 53 26.74 -10.85 -33.28
CA ILE D 53 26.11 -9.57 -32.94
C ILE D 53 26.74 -8.98 -31.70
N ASP D 54 27.04 -7.68 -31.75
CA ASP D 54 27.71 -7.01 -30.65
C ASP D 54 26.78 -6.90 -29.45
N PRO D 55 27.33 -6.91 -28.23
CA PRO D 55 26.49 -6.74 -27.05
C PRO D 55 25.86 -5.37 -26.99
N VAL D 56 24.68 -5.31 -26.35
CA VAL D 56 23.93 -4.05 -26.26
C VAL D 56 24.53 -3.09 -25.25
N GLY D 57 25.47 -3.54 -24.43
CA GLY D 57 26.11 -2.68 -23.45
C GLY D 57 25.29 -2.52 -22.19
N ARG D 58 25.89 -1.84 -21.21
CA ARG D 58 25.22 -1.61 -19.95
C ARG D 58 24.02 -0.69 -20.14
N ILE D 59 22.94 -0.98 -19.42
CA ILE D 59 21.69 -0.22 -19.50
C ILE D 59 21.45 0.40 -18.13
N GLN D 60 21.27 1.73 -18.11
CA GLN D 60 20.99 2.47 -16.89
C GLN D 60 19.53 2.90 -16.93
N MET D 61 18.78 2.52 -15.90
CA MET D 61 17.35 2.86 -15.80
C MET D 61 17.12 3.52 -14.45
N ARG D 62 16.53 4.71 -14.48
CA ARG D 62 16.27 5.49 -13.28
C ARG D 62 14.78 5.61 -13.04
N THR D 63 14.38 5.53 -11.77
CA THR D 63 12.98 5.64 -11.40
C THR D 63 12.46 7.04 -11.73
N ARG D 64 11.64 7.14 -12.78
CA ARG D 64 11.10 8.43 -13.19
C ARG D 64 9.85 8.81 -12.43
N ARG D 65 9.25 7.89 -11.67
CA ARG D 65 8.02 8.18 -10.95
C ARG D 65 7.77 7.06 -9.95
N THR D 66 7.13 7.42 -8.83
CA THR D 66 6.72 6.46 -7.82
C THR D 66 5.26 6.71 -7.49
N LEU D 67 4.43 5.69 -7.63
CA LEU D 67 3.00 5.79 -7.39
C LEU D 67 2.69 5.23 -6.01
N ARG D 68 2.01 6.01 -5.18
CA ARG D 68 1.73 5.67 -3.80
C ARG D 68 0.24 5.76 -3.53
N GLY D 69 -0.22 4.98 -2.55
CA GLY D 69 -1.62 4.98 -2.18
C GLY D 69 -2.14 3.62 -1.76
N HIS D 70 -1.42 2.56 -2.11
CA HIS D 70 -1.81 1.22 -1.70
C HIS D 70 -1.33 0.94 -0.29
N LEU D 71 -2.16 0.22 0.48
CA LEU D 71 -1.88 -0.08 1.87
C LEU D 71 -1.67 -1.56 2.12
N ALA D 72 -1.35 -2.33 1.09
CA ALA D 72 -1.09 -3.76 1.23
C ALA D 72 -0.26 -4.22 0.04
N LYS D 73 0.02 -5.51 -0.01
CA LYS D 73 0.83 -6.06 -1.08
C LYS D 73 0.11 -5.91 -2.43
N ILE D 74 0.90 -5.69 -3.47
CA ILE D 74 0.39 -5.52 -4.83
C ILE D 74 0.68 -6.80 -5.59
N TYR D 75 -0.37 -7.43 -6.14
CA TYR D 75 -0.21 -8.72 -6.80
C TYR D 75 -0.35 -8.67 -8.31
N ALA D 76 -0.86 -7.57 -8.89
CA ALA D 76 -1.06 -7.53 -10.32
C ALA D 76 -1.10 -6.09 -10.80
N MET D 77 -0.83 -5.92 -12.09
CA MET D 77 -0.94 -4.64 -12.77
C MET D 77 -1.07 -4.89 -14.26
N HIS D 78 -1.55 -3.87 -14.98
CA HIS D 78 -1.69 -3.98 -16.42
C HIS D 78 -1.75 -2.58 -17.02
N TRP D 79 -0.89 -2.32 -18.00
CA TRP D 79 -0.90 -1.05 -18.70
C TRP D 79 -2.11 -0.95 -19.63
N GLY D 80 -2.57 0.26 -19.84
CA GLY D 80 -3.59 0.51 -20.85
C GLY D 80 -3.00 0.46 -22.25
N THR D 81 -3.88 0.40 -23.24
CA THR D 81 -3.44 0.34 -24.62
C THR D 81 -2.91 1.68 -25.12
N ASP D 82 -3.14 2.77 -24.40
CA ASP D 82 -2.62 4.08 -24.77
C ASP D 82 -1.31 4.41 -24.05
N SER D 83 -0.78 3.48 -23.27
CA SER D 83 0.51 3.62 -22.59
C SER D 83 0.52 4.80 -21.62
N ARG D 84 -0.63 5.20 -21.12
CA ARG D 84 -0.71 6.28 -20.13
C ARG D 84 -1.41 5.86 -18.85
N LEU D 85 -2.50 5.09 -18.95
CA LEU D 85 -3.25 4.65 -17.79
C LEU D 85 -2.91 3.22 -17.45
N LEU D 86 -2.83 2.92 -16.16
CA LEU D 86 -2.55 1.57 -15.68
C LEU D 86 -3.42 1.28 -14.48
N VAL D 87 -3.71 -0.01 -14.27
CA VAL D 87 -4.55 -0.48 -13.18
C VAL D 87 -3.74 -1.42 -12.32
N SER D 88 -3.79 -1.21 -11.01
CA SER D 88 -3.04 -2.02 -10.05
C SER D 88 -4.00 -2.63 -9.05
N ALA D 89 -3.83 -3.93 -8.78
CA ALA D 89 -4.67 -4.67 -7.85
C ALA D 89 -3.87 -5.00 -6.61
N SER D 90 -4.46 -4.76 -5.44
CA SER D 90 -3.80 -5.03 -4.17
C SER D 90 -4.81 -5.63 -3.20
N GLN D 91 -4.28 -6.31 -2.19
CA GLN D 91 -5.10 -7.02 -1.22
C GLN D 91 -5.64 -6.15 -0.10
N ASP D 92 -5.61 -4.82 -0.25
CA ASP D 92 -6.31 -3.94 0.65
C ASP D 92 -7.76 -3.72 0.24
N GLY D 93 -8.20 -4.35 -0.85
CA GLY D 93 -9.57 -4.27 -1.31
C GLY D 93 -9.85 -3.25 -2.38
N LYS D 94 -8.83 -2.60 -2.93
CA LYS D 94 -9.01 -1.52 -3.88
C LYS D 94 -8.36 -1.85 -5.21
N LEU D 95 -8.95 -1.30 -6.27
CA LEU D 95 -8.45 -1.42 -7.64
C LEU D 95 -8.24 0.01 -8.15
N ILE D 96 -6.99 0.46 -8.16
CA ILE D 96 -6.66 1.85 -8.46
C ILE D 96 -6.23 1.97 -9.91
N ILE D 97 -6.76 2.97 -10.60
CA ILE D 97 -6.37 3.29 -11.97
C ILE D 97 -5.60 4.60 -11.95
N TRP D 98 -4.35 4.55 -12.37
CA TRP D 98 -3.44 5.68 -12.27
C TRP D 98 -3.31 6.41 -13.61
N ASP D 99 -2.89 7.66 -13.53
CA ASP D 99 -2.45 8.44 -14.68
C ASP D 99 -0.93 8.54 -14.54
N SER D 100 -0.21 7.67 -15.26
CA SER D 100 1.21 7.52 -15.06
C SER D 100 2.02 8.75 -15.42
N TYR D 101 1.45 9.69 -16.19
CA TYR D 101 2.19 10.90 -16.53
C TYR D 101 2.26 11.86 -15.35
N THR D 102 1.16 12.03 -14.62
CA THR D 102 1.08 13.02 -13.54
C THR D 102 0.81 12.39 -12.18
N THR D 103 0.90 11.06 -12.05
CA THR D 103 0.75 10.34 -10.78
C THR D 103 -0.66 10.51 -10.20
N ASN D 104 -1.61 10.95 -11.01
CA ASN D 104 -2.97 11.16 -10.53
C ASN D 104 -3.68 9.81 -10.39
N LYS D 105 -4.83 9.85 -9.71
CA LYS D 105 -5.66 8.67 -9.49
C LYS D 105 -7.01 8.89 -10.14
N VAL D 106 -7.21 8.26 -11.31
CA VAL D 106 -8.46 8.44 -12.03
C VAL D 106 -9.61 7.77 -11.31
N HIS D 107 -9.40 6.56 -10.81
CA HIS D 107 -10.46 5.79 -10.16
C HIS D 107 -9.89 4.97 -9.02
N ALA D 108 -10.77 4.59 -8.10
CA ALA D 108 -10.43 3.69 -6.99
C ALA D 108 -11.64 2.81 -6.74
N ILE D 109 -11.59 1.58 -7.23
CA ILE D 109 -12.72 0.67 -7.22
C ILE D 109 -12.59 -0.24 -5.99
N PRO D 110 -13.57 -0.24 -5.08
CA PRO D 110 -13.52 -1.17 -3.94
C PRO D 110 -14.09 -2.53 -4.35
N LEU D 111 -13.32 -3.59 -4.07
CA LEU D 111 -13.69 -4.93 -4.47
C LEU D 111 -14.54 -5.60 -3.39
N ARG D 112 -15.44 -6.49 -3.83
CA ARG D 112 -16.24 -7.26 -2.89
C ARG D 112 -15.36 -8.22 -2.09
N SER D 113 -14.39 -8.85 -2.74
CA SER D 113 -13.45 -9.76 -2.10
C SER D 113 -12.07 -9.14 -2.11
N SER D 114 -11.44 -9.08 -0.94
CA SER D 114 -10.13 -8.46 -0.80
C SER D 114 -8.99 -9.37 -1.23
N TRP D 115 -9.27 -10.62 -1.59
CA TRP D 115 -8.25 -11.57 -2.03
C TRP D 115 -8.21 -11.56 -3.55
N VAL D 116 -7.44 -10.63 -4.11
CA VAL D 116 -7.34 -10.45 -5.56
C VAL D 116 -5.90 -10.72 -5.97
N MET D 117 -5.72 -11.58 -6.98
CA MET D 117 -4.40 -11.96 -7.46
C MET D 117 -4.21 -11.71 -8.94
N THR D 118 -5.13 -11.00 -9.59
CA THR D 118 -4.99 -10.72 -11.01
C THR D 118 -5.73 -9.44 -11.35
N CYS D 119 -5.34 -8.84 -12.47
CA CYS D 119 -5.99 -7.63 -12.97
C CYS D 119 -5.80 -7.59 -14.48
N ALA D 120 -6.70 -6.85 -15.14
CA ALA D 120 -6.65 -6.73 -16.59
C ALA D 120 -7.23 -5.39 -17.01
N TYR D 121 -6.87 -4.97 -18.22
CA TYR D 121 -7.35 -3.73 -18.81
C TYR D 121 -7.80 -4.02 -20.23
N ALA D 122 -9.04 -3.65 -20.54
CA ALA D 122 -9.58 -3.93 -21.86
C ALA D 122 -8.82 -3.14 -22.92
N PRO D 123 -8.63 -3.71 -24.12
CA PRO D 123 -7.97 -2.93 -25.19
C PRO D 123 -8.73 -1.68 -25.57
N SER D 124 -10.06 -1.71 -25.52
CA SER D 124 -10.83 -0.50 -25.76
C SER D 124 -10.64 0.52 -24.63
N GLY D 125 -10.49 0.02 -23.41
CA GLY D 125 -10.31 0.88 -22.25
C GLY D 125 -11.55 1.11 -21.41
N ASN D 126 -12.69 0.55 -21.80
CA ASN D 126 -13.93 0.75 -21.08
C ASN D 126 -14.15 -0.26 -19.95
N TYR D 127 -13.34 -1.32 -19.87
CA TYR D 127 -13.53 -2.37 -18.89
C TYR D 127 -12.22 -2.72 -18.21
N VAL D 128 -12.34 -3.15 -16.95
CA VAL D 128 -11.24 -3.78 -16.22
C VAL D 128 -11.80 -5.03 -15.55
N ALA D 129 -10.91 -5.97 -15.25
CA ALA D 129 -11.29 -7.23 -14.64
C ALA D 129 -10.38 -7.55 -13.48
N CYS D 130 -10.88 -8.37 -12.56
CA CYS D 130 -10.11 -8.81 -11.41
C CYS D 130 -10.66 -10.14 -10.94
N GLY D 131 -9.82 -10.87 -10.19
CA GLY D 131 -10.21 -12.17 -9.67
C GLY D 131 -9.21 -12.61 -8.62
N GLY D 132 -9.56 -13.71 -7.96
CA GLY D 132 -8.70 -14.23 -6.91
C GLY D 132 -9.18 -15.51 -6.27
N LEU D 133 -9.13 -15.56 -4.94
CA LEU D 133 -9.45 -16.78 -4.21
C LEU D 133 -10.95 -17.11 -4.22
N ASP D 134 -11.79 -16.22 -4.71
CA ASP D 134 -13.23 -16.46 -4.76
C ASP D 134 -13.68 -17.13 -6.05
N ASN D 135 -12.74 -17.47 -6.94
CA ASN D 135 -13.03 -18.17 -8.20
C ASN D 135 -14.02 -17.40 -9.06
N ILE D 136 -14.01 -16.07 -8.98
CA ILE D 136 -14.95 -15.23 -9.70
C ILE D 136 -14.15 -14.13 -10.41
N CYS D 137 -14.42 -13.97 -11.71
CA CYS D 137 -13.83 -12.89 -12.49
C CYS D 137 -14.90 -11.81 -12.67
N SER D 138 -14.65 -10.63 -12.09
CA SER D 138 -15.62 -9.54 -12.08
C SER D 138 -15.20 -8.48 -13.08
N ILE D 139 -16.12 -8.10 -13.96
CA ILE D 139 -15.88 -7.08 -14.98
C ILE D 139 -16.48 -5.77 -14.50
N TYR D 140 -15.69 -4.71 -14.55
CA TYR D 140 -16.11 -3.38 -14.10
C TYR D 140 -16.24 -2.47 -15.31
N ASN D 141 -17.34 -1.71 -15.35
CA ASN D 141 -17.62 -0.80 -16.45
C ASN D 141 -17.05 0.58 -16.11
N LEU D 142 -16.03 1.01 -16.85
CA LEU D 142 -15.42 2.30 -16.63
C LEU D 142 -16.13 3.44 -17.37
N LYS D 143 -16.98 3.11 -18.35
CA LYS D 143 -17.69 4.14 -19.09
C LYS D 143 -18.57 4.97 -18.17
N THR D 144 -19.43 4.31 -17.39
CA THR D 144 -20.24 4.94 -16.35
C THR D 144 -21.09 6.07 -16.93
N ARG D 145 -22.03 5.66 -17.80
CA ARG D 145 -22.88 6.61 -18.50
C ARG D 145 -23.53 7.63 -17.55
N GLU D 146 -23.73 7.24 -16.29
CA GLU D 146 -24.24 8.17 -15.29
C GLU D 146 -23.71 7.74 -13.93
N GLY D 147 -22.62 8.37 -13.48
CA GLY D 147 -22.12 8.14 -12.15
C GLY D 147 -20.70 7.63 -12.06
N ASN D 148 -20.52 6.43 -11.51
CA ASN D 148 -19.21 5.89 -11.20
C ASN D 148 -19.08 4.49 -11.78
N VAL D 149 -17.88 3.91 -11.59
CA VAL D 149 -17.60 2.57 -12.09
C VAL D 149 -18.38 1.55 -11.27
N ARG D 150 -19.06 0.64 -11.96
CA ARG D 150 -19.92 -0.36 -11.32
C ARG D 150 -19.70 -1.72 -11.96
N VAL D 151 -20.07 -2.76 -11.23
CA VAL D 151 -19.88 -4.12 -11.70
C VAL D 151 -20.82 -4.39 -12.87
N SER D 152 -20.29 -4.99 -13.93
CA SER D 152 -21.07 -5.32 -15.11
C SER D 152 -21.40 -6.81 -15.23
N ARG D 153 -20.54 -7.69 -14.71
CA ARG D 153 -20.78 -9.12 -14.79
C ARG D 153 -19.88 -9.83 -13.78
N GLU D 154 -20.36 -10.96 -13.28
CA GLU D 154 -19.60 -11.84 -12.40
C GLU D 154 -19.55 -13.22 -13.07
N LEU D 155 -18.40 -13.54 -13.65
CA LEU D 155 -18.24 -14.78 -14.42
C LEU D 155 -17.83 -15.90 -13.46
N ALA D 156 -18.82 -16.61 -12.95
CA ALA D 156 -18.60 -17.75 -12.07
C ALA D 156 -18.69 -19.06 -12.86
N GLY D 157 -18.05 -20.09 -12.31
CA GLY D 157 -18.02 -21.38 -12.97
C GLY D 157 -16.69 -22.10 -12.81
N HIS D 158 -15.69 -21.39 -12.32
CA HIS D 158 -14.39 -22.01 -12.07
C HIS D 158 -14.41 -22.73 -10.72
N THR D 159 -13.56 -23.75 -10.60
CA THR D 159 -13.46 -24.52 -9.37
C THR D 159 -12.32 -24.07 -8.47
N GLY D 160 -11.24 -23.53 -9.05
CA GLY D 160 -10.11 -23.07 -8.26
C GLY D 160 -9.90 -21.58 -8.35
N TYR D 161 -8.86 -21.09 -7.68
CA TYR D 161 -8.58 -19.66 -7.65
C TYR D 161 -8.19 -19.16 -9.04
N LEU D 162 -8.48 -17.88 -9.30
CA LEU D 162 -8.10 -17.24 -10.54
C LEU D 162 -6.66 -16.77 -10.46
N SER D 163 -5.86 -17.11 -11.48
CA SER D 163 -4.46 -16.74 -11.51
C SER D 163 -4.13 -15.71 -12.57
N CYS D 164 -4.87 -15.68 -13.68
CA CYS D 164 -4.63 -14.70 -14.73
C CYS D 164 -5.89 -14.54 -15.56
N CYS D 165 -6.08 -13.34 -16.08
CA CYS D 165 -7.19 -13.05 -16.98
C CYS D 165 -6.74 -12.02 -18.00
N ARG D 166 -7.14 -12.22 -19.25
CA ARG D 166 -6.74 -11.33 -20.33
C ARG D 166 -7.93 -11.04 -21.22
N PHE D 167 -8.03 -9.80 -21.69
CA PHE D 167 -9.15 -9.36 -22.51
C PHE D 167 -8.82 -9.61 -23.98
N LEU D 168 -9.52 -10.56 -24.59
CA LEU D 168 -9.38 -10.77 -26.03
C LEU D 168 -9.98 -9.60 -26.81
N ASP D 169 -11.18 -9.18 -26.42
CA ASP D 169 -11.86 -8.04 -27.01
C ASP D 169 -12.74 -7.42 -25.93
N ASP D 170 -13.69 -6.57 -26.34
CA ASP D 170 -14.60 -5.97 -25.38
C ASP D 170 -15.70 -6.93 -24.94
N ASN D 171 -15.80 -8.11 -25.55
CA ASN D 171 -16.83 -9.07 -25.18
C ASN D 171 -16.30 -10.45 -24.81
N GLN D 172 -15.03 -10.75 -25.08
CA GLN D 172 -14.45 -12.06 -24.80
C GLN D 172 -13.25 -11.89 -23.88
N ILE D 173 -13.23 -12.67 -22.79
CA ILE D 173 -12.13 -12.67 -21.84
C ILE D 173 -11.74 -14.12 -21.58
N VAL D 174 -10.43 -14.39 -21.59
CA VAL D 174 -9.89 -15.72 -21.35
C VAL D 174 -9.26 -15.73 -19.96
N THR D 175 -9.65 -16.71 -19.15
CA THR D 175 -9.21 -16.78 -17.75
C THR D 175 -8.58 -18.14 -17.49
N SER D 176 -7.50 -18.15 -16.70
CA SER D 176 -6.84 -19.36 -16.26
C SER D 176 -7.01 -19.50 -14.76
N SER D 177 -7.52 -20.65 -14.33
CA SER D 177 -7.81 -20.89 -12.92
C SER D 177 -6.84 -21.90 -12.33
N GLY D 178 -6.95 -22.10 -11.03
CA GLY D 178 -6.14 -23.05 -10.31
C GLY D 178 -6.62 -24.47 -10.34
N ASP D 179 -7.70 -24.76 -11.06
CA ASP D 179 -8.23 -26.12 -11.19
C ASP D 179 -7.77 -26.77 -12.49
N THR D 180 -6.58 -26.43 -12.97
CA THR D 180 -5.94 -27.03 -14.14
C THR D 180 -6.72 -26.80 -15.43
N THR D 181 -7.56 -25.77 -15.49
CA THR D 181 -8.37 -25.49 -16.68
C THR D 181 -8.28 -24.02 -17.04
N CYS D 182 -8.09 -23.75 -18.33
CA CYS D 182 -8.25 -22.42 -18.89
C CYS D 182 -9.59 -22.33 -19.60
N ALA D 183 -10.20 -21.15 -19.57
CA ALA D 183 -11.55 -20.98 -20.07
C ALA D 183 -11.66 -19.75 -20.95
N LEU D 184 -12.60 -19.79 -21.89
CA LEU D 184 -12.96 -18.65 -22.71
C LEU D 184 -14.40 -18.28 -22.40
N TRP D 185 -14.63 -17.03 -22.04
CA TRP D 185 -15.92 -16.58 -21.55
C TRP D 185 -16.63 -15.72 -22.58
N ASP D 186 -17.90 -15.41 -22.29
CA ASP D 186 -18.72 -14.50 -23.08
C ASP D 186 -19.29 -13.47 -22.13
N ILE D 187 -18.73 -12.26 -22.14
CA ILE D 187 -19.10 -11.25 -21.16
C ILE D 187 -20.57 -10.88 -21.28
N GLU D 188 -21.07 -10.74 -22.52
CA GLU D 188 -22.45 -10.32 -22.72
C GLU D 188 -23.42 -11.34 -22.13
N THR D 189 -23.15 -12.62 -22.30
CA THR D 189 -24.04 -13.66 -21.78
C THR D 189 -23.63 -14.14 -20.40
N GLY D 190 -22.37 -14.56 -20.25
CA GLY D 190 -21.87 -14.99 -18.95
C GLY D 190 -21.70 -16.49 -18.82
N GLN D 191 -21.38 -17.16 -19.92
CA GLN D 191 -21.24 -18.61 -19.92
C GLN D 191 -19.90 -19.01 -20.53
N GLN D 192 -19.44 -20.19 -20.15
CA GLN D 192 -18.18 -20.75 -20.66
C GLN D 192 -18.36 -21.14 -22.12
N THR D 193 -17.82 -20.33 -23.02
CA THR D 193 -17.92 -20.64 -24.45
C THR D 193 -17.09 -21.87 -24.80
N THR D 194 -15.84 -21.91 -24.33
CA THR D 194 -14.94 -23.03 -24.58
C THR D 194 -14.09 -23.27 -23.34
N THR D 195 -13.87 -24.54 -23.01
CA THR D 195 -13.06 -24.94 -21.87
C THR D 195 -11.84 -25.69 -22.37
N PHE D 196 -10.66 -25.28 -21.89
CA PHE D 196 -9.40 -25.89 -22.27
C PHE D 196 -8.92 -26.79 -21.14
N THR D 197 -8.66 -28.05 -21.47
CA THR D 197 -8.19 -29.03 -20.50
C THR D 197 -6.95 -29.74 -21.04
N GLY D 198 -6.18 -30.32 -20.13
CA GLY D 198 -4.98 -31.04 -20.50
C GLY D 198 -3.85 -30.86 -19.51
N HIS D 199 -3.91 -29.82 -18.71
CA HIS D 199 -2.91 -29.60 -17.68
C HIS D 199 -3.15 -30.54 -16.50
N THR D 200 -2.07 -30.83 -15.78
CA THR D 200 -2.14 -31.65 -14.58
C THR D 200 -1.98 -30.85 -13.29
N GLY D 201 -1.28 -29.71 -13.34
CA GLY D 201 -1.15 -28.83 -12.20
C GLY D 201 -1.88 -27.51 -12.42
N ASP D 202 -1.83 -26.68 -11.38
CA ASP D 202 -2.52 -25.40 -11.42
C ASP D 202 -1.93 -24.51 -12.49
N VAL D 203 -2.81 -23.85 -13.25
CA VAL D 203 -2.38 -22.90 -14.27
C VAL D 203 -2.13 -21.56 -13.59
N MET D 204 -0.90 -21.05 -13.71
CA MET D 204 -0.50 -19.87 -12.97
C MET D 204 -0.48 -18.58 -13.80
N SER D 205 -0.38 -18.69 -15.12
CA SER D 205 -0.30 -17.50 -15.96
C SER D 205 -0.65 -17.87 -17.40
N LEU D 206 -0.90 -16.84 -18.20
CA LEU D 206 -1.19 -17.00 -19.62
C LEU D 206 -0.80 -15.72 -20.34
N SER D 207 -0.65 -15.83 -21.65
CA SER D 207 -0.31 -14.68 -22.49
C SER D 207 -0.94 -14.83 -23.86
N LEU D 208 -1.66 -13.81 -24.29
CA LEU D 208 -2.30 -13.83 -25.60
C LEU D 208 -1.32 -13.47 -26.70
N ALA D 209 -1.55 -14.04 -27.89
CA ALA D 209 -0.74 -13.71 -29.05
C ALA D 209 -1.02 -12.28 -29.49
N PRO D 210 -0.08 -11.64 -30.19
CA PRO D 210 -0.33 -10.29 -30.69
C PRO D 210 -1.53 -10.20 -31.62
N ASP D 211 -1.80 -11.25 -32.39
CA ASP D 211 -2.95 -11.28 -33.28
C ASP D 211 -4.18 -11.91 -32.64
N THR D 212 -4.09 -12.30 -31.37
CA THR D 212 -5.23 -12.79 -30.59
C THR D 212 -5.91 -13.99 -31.24
N ARG D 213 -5.11 -14.99 -31.59
CA ARG D 213 -5.64 -16.27 -32.06
C ARG D 213 -5.09 -17.47 -31.30
N LEU D 214 -3.93 -17.36 -30.67
CA LEU D 214 -3.36 -18.41 -29.83
C LEU D 214 -2.96 -17.79 -28.50
N PHE D 215 -2.87 -18.64 -27.48
CA PHE D 215 -2.39 -18.19 -26.18
C PHE D 215 -1.72 -19.33 -25.45
N VAL D 216 -0.63 -19.03 -24.76
CA VAL D 216 0.12 -20.01 -24.02
C VAL D 216 -0.33 -19.95 -22.56
N SER D 217 0.02 -20.98 -21.79
CA SER D 217 -0.40 -21.06 -20.39
C SER D 217 0.60 -21.92 -19.63
N GLY D 218 1.41 -21.29 -18.79
CA GLY D 218 2.29 -22.03 -17.91
C GLY D 218 1.53 -22.58 -16.71
N ALA D 219 1.92 -23.77 -16.28
CA ALA D 219 1.25 -24.45 -15.19
C ALA D 219 2.27 -24.95 -14.18
N CYS D 220 1.77 -25.42 -13.03
CA CYS D 220 2.62 -25.90 -11.95
C CYS D 220 3.27 -27.24 -12.27
N ASP D 221 2.87 -27.91 -13.35
CA ASP D 221 3.47 -29.18 -13.74
C ASP D 221 4.72 -29.02 -14.58
N ALA D 222 5.33 -27.82 -14.57
CA ALA D 222 6.56 -27.53 -15.29
C ALA D 222 6.41 -27.78 -16.78
N SER D 223 5.32 -27.26 -17.35
CA SER D 223 5.08 -27.38 -18.78
C SER D 223 4.19 -26.25 -19.24
N ALA D 224 4.41 -25.80 -20.47
CA ALA D 224 3.63 -24.76 -21.10
C ALA D 224 3.01 -25.30 -22.37
N LYS D 225 1.72 -25.02 -22.58
CA LYS D 225 1.00 -25.52 -23.74
C LYS D 225 0.52 -24.35 -24.60
N LEU D 226 0.41 -24.61 -25.90
CA LEU D 226 -0.06 -23.62 -26.87
C LEU D 226 -1.47 -24.01 -27.31
N TRP D 227 -2.45 -23.19 -26.96
CA TRP D 227 -3.84 -23.47 -27.24
C TRP D 227 -4.30 -22.76 -28.50
N ASP D 228 -5.47 -23.17 -28.99
CA ASP D 228 -6.15 -22.51 -30.11
C ASP D 228 -7.47 -21.96 -29.58
N VAL D 229 -7.68 -20.65 -29.75
CA VAL D 229 -8.85 -20.01 -29.16
C VAL D 229 -10.13 -20.52 -29.81
N ARG D 230 -10.15 -20.66 -31.13
CA ARG D 230 -11.38 -21.01 -31.82
C ARG D 230 -11.72 -22.49 -31.65
N GLU D 231 -10.82 -23.37 -32.10
CA GLU D 231 -11.11 -24.81 -32.02
C GLU D 231 -11.23 -25.28 -30.58
N GLY D 232 -10.33 -24.82 -29.72
CA GLY D 232 -10.37 -25.22 -28.32
C GLY D 232 -9.56 -26.44 -27.98
N MET D 233 -8.54 -26.77 -28.75
CA MET D 233 -7.71 -27.94 -28.52
C MET D 233 -6.25 -27.54 -28.42
N CYS D 234 -5.52 -28.19 -27.51
CA CYS D 234 -4.10 -27.93 -27.38
C CYS D 234 -3.35 -28.35 -28.64
N ARG D 235 -2.32 -27.58 -28.98
CA ARG D 235 -1.57 -27.78 -30.21
C ARG D 235 -0.16 -28.32 -29.94
N GLN D 236 0.63 -27.62 -29.14
CA GLN D 236 1.99 -28.04 -28.82
C GLN D 236 2.22 -27.91 -27.33
N THR D 237 2.97 -28.86 -26.77
CA THR D 237 3.34 -28.86 -25.36
C THR D 237 4.85 -28.75 -25.23
N PHE D 238 5.31 -27.82 -24.41
CA PHE D 238 6.73 -27.55 -24.23
C PHE D 238 7.14 -27.93 -22.82
N THR D 239 8.29 -28.59 -22.71
CA THR D 239 8.87 -29.00 -21.44
C THR D 239 10.33 -28.57 -21.38
N GLY D 240 10.91 -28.67 -20.19
CA GLY D 240 12.30 -28.30 -20.00
C GLY D 240 12.56 -27.65 -18.66
N HIS D 241 11.51 -27.16 -18.01
CA HIS D 241 11.67 -26.55 -16.70
C HIS D 241 11.77 -27.63 -15.61
N GLU D 242 12.11 -27.19 -14.41
CA GLU D 242 12.25 -28.08 -13.26
C GLU D 242 11.19 -27.88 -12.20
N SER D 243 10.59 -26.70 -12.12
CA SER D 243 9.61 -26.39 -11.09
C SER D 243 8.44 -25.67 -11.74
N ASP D 244 7.56 -25.12 -10.90
CA ASP D 244 6.35 -24.46 -11.39
C ASP D 244 6.70 -23.26 -12.26
N ILE D 245 5.89 -23.04 -13.29
CA ILE D 245 6.05 -21.88 -14.17
C ILE D 245 5.20 -20.76 -13.60
N ASN D 246 5.85 -19.78 -12.98
CA ASN D 246 5.13 -18.71 -12.29
C ASN D 246 4.56 -17.68 -13.26
N ALA D 247 5.26 -17.39 -14.35
CA ALA D 247 4.83 -16.34 -15.26
C ALA D 247 5.31 -16.67 -16.67
N ILE D 248 4.66 -16.06 -17.66
CA ILE D 248 4.95 -16.31 -19.06
C ILE D 248 4.66 -15.03 -19.84
N CYS D 249 5.38 -14.87 -20.96
CA CYS D 249 5.19 -13.71 -21.81
C CYS D 249 5.43 -14.13 -23.26
N PHE D 250 4.90 -13.34 -24.18
CA PHE D 250 4.89 -13.66 -25.60
C PHE D 250 5.80 -12.69 -26.35
N PHE D 251 6.62 -13.23 -27.25
CA PHE D 251 7.51 -12.41 -28.05
C PHE D 251 6.70 -11.47 -28.95
N PRO D 252 7.20 -10.26 -29.22
CA PRO D 252 6.46 -9.35 -30.10
C PRO D 252 6.23 -9.90 -31.49
N ASN D 253 7.16 -10.71 -32.01
CA ASN D 253 6.97 -11.31 -33.33
C ASN D 253 5.79 -12.27 -33.31
N GLY D 254 5.62 -13.02 -32.23
CA GLY D 254 4.56 -13.99 -32.13
C GLY D 254 4.95 -15.42 -32.41
N ASN D 255 6.24 -15.69 -32.63
CA ASN D 255 6.72 -17.05 -32.88
C ASN D 255 7.57 -17.58 -31.74
N ALA D 256 7.60 -16.89 -30.60
CA ALA D 256 8.39 -17.31 -29.46
C ALA D 256 7.73 -16.82 -28.19
N PHE D 257 8.11 -17.43 -27.07
CA PHE D 257 7.62 -17.00 -25.77
C PHE D 257 8.63 -17.38 -24.70
N ALA D 258 8.72 -16.55 -23.67
CA ALA D 258 9.65 -16.74 -22.57
C ALA D 258 8.89 -17.02 -21.28
N THR D 259 9.39 -17.99 -20.51
CA THR D 259 8.76 -18.42 -19.27
C THR D 259 9.73 -18.25 -18.11
N GLY D 260 9.19 -17.93 -16.94
CA GLY D 260 9.97 -17.84 -15.73
C GLY D 260 9.46 -18.81 -14.67
N SER D 261 10.35 -19.66 -14.17
CA SER D 261 9.98 -20.74 -13.26
C SER D 261 10.47 -20.44 -11.85
N ASP D 262 10.26 -21.40 -10.96
CA ASP D 262 10.59 -21.27 -9.55
C ASP D 262 12.00 -21.71 -9.21
N ASP D 263 12.77 -22.19 -10.19
CA ASP D 263 14.15 -22.61 -9.95
C ASP D 263 15.16 -21.59 -10.49
N ALA D 264 14.77 -20.31 -10.53
CA ALA D 264 15.66 -19.20 -10.87
C ALA D 264 16.26 -19.38 -12.27
N THR D 265 15.39 -19.41 -13.27
CA THR D 265 15.84 -19.52 -14.65
C THR D 265 14.74 -19.03 -15.58
N CYS D 266 15.17 -18.42 -16.68
CA CYS D 266 14.28 -17.99 -17.75
C CYS D 266 14.59 -18.78 -19.02
N ARG D 267 13.56 -19.28 -19.68
CA ARG D 267 13.72 -20.10 -20.86
C ARG D 267 12.91 -19.52 -22.01
N LEU D 268 13.51 -19.52 -23.19
CA LEU D 268 12.88 -19.01 -24.39
C LEU D 268 12.58 -20.17 -25.33
N PHE D 269 11.31 -20.33 -25.69
CA PHE D 269 10.86 -21.40 -26.56
C PHE D 269 10.48 -20.83 -27.92
N ASP D 270 10.50 -21.70 -28.93
CA ASP D 270 10.14 -21.34 -30.30
C ASP D 270 8.93 -22.15 -30.73
N LEU D 271 7.93 -21.47 -31.29
CA LEU D 271 6.72 -22.16 -31.72
C LEU D 271 6.97 -23.07 -32.92
N ARG D 272 7.68 -22.56 -33.92
CA ARG D 272 7.91 -23.34 -35.13
C ARG D 272 8.95 -24.44 -34.89
N ALA D 273 10.00 -24.14 -34.14
CA ALA D 273 11.00 -25.17 -33.82
C ALA D 273 10.50 -26.17 -32.80
N ASP D 274 9.52 -25.79 -31.98
CA ASP D 274 8.91 -26.67 -30.99
C ASP D 274 9.96 -27.24 -30.02
N GLN D 275 10.89 -26.38 -29.61
CA GLN D 275 11.92 -26.78 -28.67
C GLN D 275 12.51 -25.54 -28.01
N GLU D 276 13.16 -25.76 -26.87
CA GLU D 276 13.80 -24.67 -26.15
C GLU D 276 14.97 -24.12 -26.94
N LEU D 277 15.09 -22.79 -26.96
CA LEU D 277 16.15 -22.11 -27.71
C LEU D 277 17.29 -21.66 -26.81
N MET D 278 17.00 -20.89 -25.77
CA MET D 278 18.02 -20.36 -24.89
C MET D 278 17.53 -20.37 -23.45
N THR D 279 18.47 -20.34 -22.51
CA THR D 279 18.17 -20.28 -21.09
C THR D 279 18.96 -19.14 -20.47
N TYR D 280 18.33 -18.43 -19.54
CA TYR D 280 18.91 -17.26 -18.90
C TYR D 280 19.07 -17.56 -17.41
N SER D 281 20.20 -18.14 -17.03
CA SER D 281 20.45 -18.53 -15.66
C SER D 281 21.83 -18.03 -15.23
N HIS D 282 21.93 -17.62 -13.97
CA HIS D 282 23.19 -17.21 -13.36
C HIS D 282 23.36 -17.91 -12.03
N ASP D 283 24.58 -18.35 -11.74
CA ASP D 283 24.85 -19.10 -10.52
C ASP D 283 24.69 -18.25 -9.26
N ASN D 284 24.60 -16.93 -9.38
CA ASN D 284 24.43 -16.06 -8.22
C ASN D 284 22.98 -15.81 -7.87
N ILE D 285 22.03 -16.32 -8.65
CA ILE D 285 20.60 -16.13 -8.41
C ILE D 285 19.99 -17.48 -8.06
N ILE D 286 19.26 -17.52 -6.95
CA ILE D 286 18.58 -18.74 -6.52
C ILE D 286 17.12 -18.42 -6.23
N CYS D 287 16.79 -17.14 -6.21
CA CYS D 287 15.41 -16.71 -5.97
C CYS D 287 14.57 -16.95 -7.22
N GLY D 288 13.31 -17.28 -7.00
CA GLY D 288 12.40 -17.58 -8.09
C GLY D 288 12.07 -16.35 -8.92
N ILE D 289 11.33 -16.59 -9.99
CA ILE D 289 10.93 -15.55 -10.94
C ILE D 289 9.41 -15.41 -10.88
N THR D 290 8.94 -14.17 -10.76
CA THR D 290 7.52 -13.90 -10.63
C THR D 290 6.91 -13.19 -11.83
N SER D 291 7.71 -12.70 -12.76
CA SER D 291 7.19 -11.97 -13.91
C SER D 291 8.24 -11.89 -15.00
N VAL D 292 7.78 -11.91 -16.25
CA VAL D 292 8.63 -11.71 -17.42
C VAL D 292 7.91 -10.81 -18.40
N SER D 293 8.68 -10.12 -19.23
CA SER D 293 8.15 -9.24 -20.25
C SER D 293 9.25 -8.83 -21.20
N PHE D 294 8.88 -8.58 -22.45
CA PHE D 294 9.81 -8.19 -23.49
C PHE D 294 9.71 -6.68 -23.76
N SER D 295 10.75 -6.15 -24.38
CA SER D 295 10.73 -4.78 -24.84
C SER D 295 9.95 -4.69 -26.16
N LYS D 296 9.88 -3.48 -26.73
CA LYS D 296 9.13 -3.30 -27.96
C LYS D 296 9.75 -4.06 -29.12
N SER D 297 11.08 -4.06 -29.21
CA SER D 297 11.77 -4.78 -30.27
C SER D 297 12.07 -6.23 -29.92
N GLY D 298 11.85 -6.64 -28.67
CA GLY D 298 12.12 -7.99 -28.25
C GLY D 298 13.57 -8.27 -27.89
N ARG D 299 14.43 -7.25 -27.88
CA ARG D 299 15.83 -7.47 -27.57
C ARG D 299 16.05 -7.69 -26.08
N LEU D 300 15.30 -6.99 -25.23
CA LEU D 300 15.44 -7.12 -23.80
C LEU D 300 14.44 -8.13 -23.24
N LEU D 301 14.72 -8.62 -22.04
CA LEU D 301 13.86 -9.57 -21.34
C LEU D 301 13.90 -9.20 -19.85
N LEU D 302 12.97 -8.36 -19.43
CA LEU D 302 12.89 -7.97 -18.03
C LEU D 302 12.21 -9.07 -17.21
N ALA D 303 12.77 -9.36 -16.05
CA ALA D 303 12.25 -10.41 -15.18
C ALA D 303 12.33 -9.95 -13.73
N GLY D 304 11.29 -10.27 -12.97
CA GLY D 304 11.25 -9.98 -11.55
C GLY D 304 11.64 -11.20 -10.74
N TYR D 305 12.22 -10.95 -9.56
CA TYR D 305 12.76 -12.02 -8.73
C TYR D 305 12.28 -11.85 -7.30
N ASP D 306 12.42 -12.92 -6.52
CA ASP D 306 12.11 -12.89 -5.10
C ASP D 306 13.15 -12.15 -4.27
N ASP D 307 14.34 -11.89 -4.82
CA ASP D 307 15.40 -11.22 -4.08
C ASP D 307 15.26 -9.69 -4.12
N PHE D 308 14.07 -9.18 -4.38
CA PHE D 308 13.67 -7.77 -4.35
C PHE D 308 14.20 -7.02 -5.56
N ASN D 309 14.85 -7.68 -6.52
CA ASN D 309 15.49 -7.02 -7.64
C ASN D 309 14.84 -7.43 -8.95
N CYS D 310 15.03 -6.60 -9.97
CA CYS D 310 14.59 -6.88 -11.33
C CYS D 310 15.82 -6.87 -12.24
N ASN D 311 15.96 -7.91 -13.04
CA ASN D 311 17.10 -8.07 -13.93
C ASN D 311 16.67 -7.93 -15.38
N VAL D 312 17.57 -7.35 -16.19
CA VAL D 312 17.34 -7.15 -17.61
C VAL D 312 18.32 -8.05 -18.36
N TRP D 313 17.78 -8.93 -19.21
CA TRP D 313 18.56 -9.92 -19.93
C TRP D 313 18.59 -9.59 -21.42
N ASP D 314 19.73 -9.86 -22.06
CA ASP D 314 19.84 -9.74 -23.51
C ASP D 314 19.27 -11.01 -24.12
N ALA D 315 18.13 -10.89 -24.81
CA ALA D 315 17.43 -12.06 -25.32
C ALA D 315 18.27 -12.82 -26.33
N LEU D 316 18.97 -12.10 -27.21
CA LEU D 316 19.74 -12.73 -28.28
C LEU D 316 21.11 -13.24 -27.83
N LYS D 317 21.56 -12.85 -26.63
CA LYS D 317 22.88 -13.27 -26.15
C LYS D 317 22.87 -13.93 -24.78
N ALA D 318 21.73 -13.95 -24.08
CA ALA D 318 21.62 -14.58 -22.76
C ALA D 318 22.61 -13.96 -21.77
N ASP D 319 22.81 -12.65 -21.87
CA ASP D 319 23.74 -11.92 -21.01
C ASP D 319 22.97 -10.85 -20.24
N ARG D 320 23.27 -10.74 -18.95
CA ARG D 320 22.65 -9.71 -18.13
C ARG D 320 23.13 -8.34 -18.56
N ALA D 321 22.20 -7.39 -18.67
CA ALA D 321 22.51 -6.05 -19.15
C ALA D 321 22.23 -4.96 -18.13
N GLY D 322 21.91 -5.31 -16.90
CA GLY D 322 21.64 -4.32 -15.86
C GLY D 322 20.56 -4.82 -14.93
N VAL D 323 20.46 -4.13 -13.79
CA VAL D 323 19.48 -4.47 -12.76
C VAL D 323 18.64 -3.24 -12.45
N LEU D 324 17.44 -3.48 -11.95
CA LEU D 324 16.51 -2.43 -11.52
C LEU D 324 16.22 -2.68 -10.05
N ALA D 325 17.05 -2.12 -9.18
CA ALA D 325 16.95 -2.32 -7.73
C ALA D 325 16.38 -1.05 -7.10
N GLY D 326 15.08 -1.04 -6.83
CA GLY D 326 14.45 0.09 -6.19
C GLY D 326 13.36 -0.31 -5.22
N HIS D 327 13.23 -1.60 -4.96
CA HIS D 327 12.15 -2.13 -4.13
C HIS D 327 12.73 -2.76 -2.85
N ASP D 328 11.95 -2.65 -1.77
CA ASP D 328 12.33 -3.21 -0.48
C ASP D 328 11.63 -4.52 -0.17
N ASN D 329 10.96 -5.11 -1.15
CA ASN D 329 10.29 -6.39 -0.97
C ASN D 329 10.19 -7.10 -2.31
N ARG D 330 9.56 -8.27 -2.31
CA ARG D 330 9.50 -9.10 -3.50
C ARG D 330 8.74 -8.39 -4.62
N VAL D 331 9.25 -8.52 -5.84
CA VAL D 331 8.60 -7.97 -7.02
C VAL D 331 7.59 -9.00 -7.52
N SER D 332 6.32 -8.58 -7.62
CA SER D 332 5.24 -9.50 -7.99
C SER D 332 4.70 -9.29 -9.39
N CYS D 333 4.72 -8.07 -9.91
CA CYS D 333 4.18 -7.78 -11.22
C CYS D 333 5.12 -6.88 -11.99
N LEU D 334 5.04 -6.95 -13.31
CA LEU D 334 5.91 -6.18 -14.18
C LEU D 334 5.28 -6.08 -15.56
N GLY D 335 5.42 -4.92 -16.20
CA GLY D 335 4.85 -4.72 -17.51
C GLY D 335 5.59 -3.65 -18.28
N VAL D 336 5.45 -3.71 -19.60
CA VAL D 336 6.06 -2.74 -20.51
C VAL D 336 4.95 -2.15 -21.36
N THR D 337 4.95 -0.83 -21.51
CA THR D 337 3.90 -0.16 -22.26
C THR D 337 3.95 -0.55 -23.73
N ASP D 338 2.79 -0.48 -24.38
CA ASP D 338 2.74 -0.73 -25.82
C ASP D 338 3.56 0.29 -26.59
N ASP D 339 3.71 1.49 -26.05
CA ASP D 339 4.61 2.47 -26.66
C ASP D 339 6.06 2.04 -26.53
N GLY D 340 6.38 1.22 -25.53
CA GLY D 340 7.73 0.75 -25.32
C GLY D 340 8.66 1.74 -24.65
N MET D 341 8.14 2.85 -24.14
CA MET D 341 8.96 3.91 -23.59
C MET D 341 8.99 3.92 -22.06
N ALA D 342 8.47 2.87 -21.41
CA ALA D 342 8.48 2.83 -19.95
C ALA D 342 8.33 1.40 -19.48
N VAL D 343 8.77 1.18 -18.24
CA VAL D 343 8.60 -0.09 -17.54
C VAL D 343 8.09 0.21 -16.15
N ALA D 344 6.99 -0.45 -15.76
CA ALA D 344 6.41 -0.28 -14.44
C ALA D 344 6.57 -1.57 -13.66
N THR D 345 6.98 -1.46 -12.40
CA THR D 345 7.34 -2.62 -11.57
C THR D 345 6.65 -2.48 -10.22
N GLY D 346 5.51 -3.15 -10.04
CA GLY D 346 4.91 -3.25 -8.74
C GLY D 346 5.60 -4.31 -7.88
N SER D 347 5.39 -4.21 -6.57
CA SER D 347 6.04 -5.12 -5.64
C SER D 347 5.19 -5.22 -4.38
N TRP D 348 5.65 -6.04 -3.44
CA TRP D 348 4.88 -6.34 -2.24
C TRP D 348 4.96 -5.24 -1.19
N ASP D 349 5.77 -4.22 -1.39
CA ASP D 349 5.87 -3.12 -0.44
C ASP D 349 4.88 -1.99 -0.73
N SER D 350 3.87 -2.26 -1.57
CA SER D 350 2.80 -1.31 -1.86
C SER D 350 3.32 -0.07 -2.60
N PHE D 351 4.24 -0.28 -3.54
CA PHE D 351 4.79 0.80 -4.35
C PHE D 351 4.87 0.37 -5.80
N LEU D 352 4.56 1.30 -6.70
CA LEU D 352 4.79 1.12 -8.14
C LEU D 352 5.82 2.13 -8.59
N LYS D 353 6.70 1.71 -9.49
CA LYS D 353 7.77 2.57 -9.99
C LYS D 353 7.82 2.49 -11.51
N ILE D 354 7.92 3.65 -12.15
CA ILE D 354 8.02 3.74 -13.61
C ILE D 354 9.49 4.02 -13.93
N TRP D 355 10.13 3.08 -14.62
CA TRP D 355 11.56 3.14 -14.87
C TRP D 355 11.80 3.66 -16.29
N ASN D 356 12.56 4.76 -16.39
CA ASN D 356 12.91 5.36 -17.67
C ASN D 356 11.68 5.74 -18.49
N SER E 7 -11.28 -45.55 -16.61
CA SER E 7 -10.07 -44.81 -16.93
C SER E 7 -9.42 -45.33 -18.21
N ILE E 8 -10.08 -46.30 -18.84
CA ILE E 8 -9.56 -46.85 -20.09
C ILE E 8 -9.55 -45.78 -21.18
N ALA E 9 -10.63 -44.99 -21.27
CA ALA E 9 -10.68 -43.90 -22.23
C ALA E 9 -9.79 -42.73 -21.83
N GLN E 10 -9.47 -42.60 -20.54
CA GLN E 10 -8.59 -41.52 -20.11
C GLN E 10 -7.20 -41.66 -20.71
N ALA E 11 -6.67 -42.90 -20.74
CA ALA E 11 -5.39 -43.13 -21.40
C ALA E 11 -5.50 -42.97 -22.91
N ARG E 12 -6.67 -43.30 -23.48
CA ARG E 12 -6.87 -43.11 -24.92
C ARG E 12 -6.80 -41.64 -25.30
N LYS E 13 -7.37 -40.77 -24.47
CA LYS E 13 -7.34 -39.33 -24.75
C LYS E 13 -5.91 -38.81 -24.76
N LEU E 14 -5.08 -39.26 -23.82
CA LEU E 14 -3.68 -38.87 -23.82
C LEU E 14 -2.97 -39.39 -25.06
N VAL E 15 -3.25 -40.63 -25.47
CA VAL E 15 -2.64 -41.18 -26.67
C VAL E 15 -3.15 -40.46 -27.91
N GLU E 16 -4.46 -40.23 -27.98
CA GLU E 16 -5.04 -39.59 -29.17
C GLU E 16 -4.50 -38.18 -29.37
N GLN E 17 -4.40 -37.41 -28.28
CA GLN E 17 -3.89 -36.05 -28.39
C GLN E 17 -2.39 -36.04 -28.68
N LEU E 18 -1.65 -37.03 -28.16
CA LEU E 18 -0.22 -37.08 -28.39
C LEU E 18 0.11 -37.35 -29.85
N LYS E 19 -0.78 -38.03 -30.57
CA LYS E 19 -0.58 -38.26 -32.00
C LYS E 19 -0.60 -36.94 -32.77
N MET E 20 -1.50 -36.02 -32.39
CA MET E 20 -1.57 -34.73 -33.07
C MET E 20 -0.29 -33.93 -32.85
N GLU E 21 0.28 -33.98 -31.65
CA GLU E 21 1.52 -33.27 -31.38
C GLU E 21 2.66 -33.80 -32.23
N ALA E 22 2.74 -35.13 -32.39
CA ALA E 22 3.78 -35.71 -33.24
C ALA E 22 3.58 -35.34 -34.69
N ASN E 23 2.33 -35.33 -35.16
CA ASN E 23 2.01 -35.02 -36.56
C ASN E 23 1.90 -33.51 -36.74
N ILE E 24 3.04 -32.85 -36.61
CA ILE E 24 3.14 -31.41 -36.81
C ILE E 24 4.36 -31.13 -37.69
N ASP E 25 4.32 -29.98 -38.37
CA ASP E 25 5.40 -29.58 -39.25
C ASP E 25 6.46 -28.83 -38.45
N ARG E 26 7.72 -29.16 -38.69
CA ARG E 26 8.84 -28.57 -37.95
C ARG E 26 9.84 -27.97 -38.93
N ILE E 27 10.61 -26.99 -38.43
CA ILE E 27 11.60 -26.30 -39.22
C ILE E 27 12.92 -26.31 -38.45
N LYS E 28 14.02 -26.19 -39.17
CA LYS E 28 15.34 -26.21 -38.55
C LYS E 28 15.49 -25.06 -37.56
N VAL E 29 16.23 -25.31 -36.48
CA VAL E 29 16.41 -24.31 -35.44
C VAL E 29 17.16 -23.10 -36.00
N SER E 30 18.13 -23.34 -36.90
CA SER E 30 18.88 -22.23 -37.48
C SER E 30 17.97 -21.31 -38.29
N LYS E 31 17.01 -21.87 -39.03
CA LYS E 31 16.07 -21.05 -39.77
C LYS E 31 15.22 -20.19 -38.83
N ALA E 32 14.77 -20.78 -37.71
CA ALA E 32 14.03 -20.00 -36.73
C ALA E 32 14.93 -18.99 -36.03
N ALA E 33 16.20 -19.34 -35.81
CA ALA E 33 17.13 -18.42 -35.17
C ALA E 33 17.38 -17.19 -36.04
N ALA E 34 17.51 -17.39 -37.35
CA ALA E 34 17.78 -16.27 -38.25
C ALA E 34 16.59 -15.30 -38.28
N ASP E 35 15.37 -15.84 -38.35
CA ASP E 35 14.19 -14.98 -38.37
C ASP E 35 14.03 -14.21 -37.08
N LEU E 36 14.29 -14.87 -35.94
CA LEU E 36 14.16 -14.20 -34.64
C LEU E 36 15.18 -13.07 -34.51
N MET E 37 16.41 -13.29 -34.95
CA MET E 37 17.42 -12.25 -34.87
C MET E 37 17.14 -11.11 -35.83
N ALA E 38 16.51 -11.39 -36.97
CA ALA E 38 16.21 -10.36 -37.95
C ALA E 38 15.23 -9.33 -37.39
N TYR E 39 14.23 -9.80 -36.63
CA TYR E 39 13.22 -8.90 -36.09
C TYR E 39 13.84 -7.89 -35.12
N CYS E 40 14.81 -8.31 -34.32
CA CYS E 40 15.44 -7.41 -33.37
C CYS E 40 16.16 -6.26 -34.08
N GLU E 41 16.86 -6.57 -35.18
CA GLU E 41 17.59 -5.54 -35.90
C GLU E 41 16.65 -4.62 -36.67
N ALA E 42 15.57 -5.18 -37.23
CA ALA E 42 14.67 -4.38 -38.03
C ALA E 42 13.92 -3.33 -37.22
N HIS E 43 13.70 -3.60 -35.92
CA HIS E 43 12.99 -2.68 -35.05
C HIS E 43 13.87 -2.15 -33.92
N ALA E 44 15.19 -2.18 -34.10
CA ALA E 44 16.09 -1.67 -33.08
C ALA E 44 16.04 -0.15 -32.97
N LYS E 45 15.60 0.54 -34.02
CA LYS E 45 15.50 2.00 -34.00
C LYS E 45 14.19 2.51 -33.42
N GLU E 46 13.24 1.62 -33.15
CA GLU E 46 11.95 1.99 -32.56
C GLU E 46 11.83 1.53 -31.11
N ASP E 47 12.95 1.25 -30.44
CA ASP E 47 12.94 0.80 -29.06
C ASP E 47 13.50 1.90 -28.17
N PRO E 48 12.66 2.66 -27.47
CA PRO E 48 13.18 3.70 -26.57
C PRO E 48 14.08 3.17 -25.48
N LEU E 49 13.84 1.95 -24.99
CA LEU E 49 14.65 1.41 -23.91
C LEU E 49 16.06 1.07 -24.38
N LEU E 50 16.18 0.46 -25.56
CA LEU E 50 17.50 0.08 -26.06
C LEU E 50 18.36 1.31 -26.34
N THR E 51 17.83 2.25 -27.11
CA THR E 51 18.52 3.50 -27.43
C THR E 51 17.73 4.66 -26.85
N PRO E 52 18.20 5.27 -25.76
CA PRO E 52 17.42 6.35 -25.13
C PRO E 52 17.12 7.47 -26.12
N VAL E 53 15.87 7.92 -26.11
CA VAL E 53 15.41 9.02 -26.94
C VAL E 53 15.89 10.33 -26.33
N PRO E 54 15.92 11.43 -27.08
CA PRO E 54 16.31 12.71 -26.47
C PRO E 54 15.37 13.08 -25.34
N ALA E 55 15.92 13.79 -24.34
CA ALA E 55 15.18 14.12 -23.13
C ALA E 55 13.91 14.93 -23.42
N SER E 56 13.85 15.61 -24.56
CA SER E 56 12.63 16.34 -24.91
C SER E 56 11.50 15.38 -25.26
N GLU E 57 11.81 14.18 -25.74
CA GLU E 57 10.81 13.23 -26.17
C GLU E 57 10.31 12.31 -25.05
N ASN E 58 10.91 12.38 -23.87
CA ASN E 58 10.47 11.54 -22.76
C ASN E 58 9.23 12.14 -22.11
N PRO E 59 8.10 11.45 -22.11
CA PRO E 59 6.91 11.98 -21.41
C PRO E 59 7.03 11.91 -19.90
N PHE E 60 7.94 11.11 -19.37
CA PHE E 60 8.09 10.92 -17.93
C PHE E 60 9.18 11.80 -17.33
N ARG E 61 10.19 12.18 -18.10
CA ARG E 61 11.25 13.03 -17.58
C ARG E 61 10.72 14.44 -17.31
N GLU E 62 10.27 15.12 -18.35
CA GLU E 62 9.71 16.46 -18.22
C GLU E 62 8.57 16.68 -19.20
#